data_4CZU
#
_entry.id   4CZU
#
_cell.length_a   72.700
_cell.length_b   91.730
_cell.length_c   207.990
_cell.angle_alpha   90.00
_cell.angle_beta   90.00
_cell.angle_gamma   90.00
#
_symmetry.space_group_name_H-M   'P 21 21 21'
#
loop_
_entity.id
_entity.type
_entity.pdbx_description
1 polymer 'CBL-INTERACTING SERINE/THREONINE-PROTEIN KINASE 23'
2 non-polymer 3-[(3-CHOLAMIDOPROPYL)DIMETHYLAMMONIO]-1-PROPANESULFONATE
3 non-polymer 'SULFATE ION'
4 water water
#
_entity_poly.entity_id   1
_entity_poly.type   'polypeptide(L)'
_entity_poly.pdbx_seq_one_letter_code
;PGIHSGRTRVGKYELGRTLGEGTFAKVKFARNVENGDNVAIKVIDKEKVLKNKMIAQIKREISTMKLIKHPNVIRMFEVM
ASKTKIYFVLEFVTGGELFDKISSNGRLKEDEARKYFQQLINAVDYCHSRGVYHRDLKPENLLLDANGALKVSDFGLSAL
PQQVREDGLLHDTCGTPNYVAPEVINNKGYDGAKADLWSCGVILFVLMAGYLPFEDSNLTSLYKKIFKAEFTCPPWFSAS
AKKLIKRILDPNPATRITFAEVIENEWFKKGYKAPKFENADVSLDDVDAIFDDSGESKNLVVERREEGLKTPVTMNAFEL
ISTSQGLNLGSLFEKQMGLVKRKTRFTSKSSANEIVTKIEAAAAPMGFDVKTNNYKMKLTGEKSGRKGQLAVATEVFQVA
PSLYMVEMRKSGGDTLEFHKFYKNLTTGLKDIVWKTIDEEKEEGTDGGGTNGAMANRTIAKQST
;
_entity_poly.pdbx_strand_id   A,B,C,D
#
# COMPACT_ATOMS: atom_id res chain seq x y z
N PRO A 1 6.13 -35.63 27.67
CA PRO A 1 6.40 -35.95 26.26
C PRO A 1 7.90 -36.02 25.98
N GLY A 2 8.64 -35.08 26.54
CA GLY A 2 10.09 -35.13 26.46
C GLY A 2 10.69 -34.10 25.52
N ILE A 3 11.52 -33.22 26.07
CA ILE A 3 12.30 -32.34 25.22
C ILE A 3 13.53 -33.11 24.73
N HIS A 4 13.77 -32.98 23.42
CA HIS A 4 14.71 -33.82 22.69
C HIS A 4 15.95 -32.99 22.42
N SER A 5 16.98 -33.17 23.24
CA SER A 5 18.19 -32.33 23.19
C SER A 5 18.81 -32.21 21.80
N GLY A 6 18.54 -33.18 20.93
CA GLY A 6 19.06 -33.14 19.58
C GLY A 6 18.05 -32.67 18.54
N ARG A 7 17.15 -31.77 18.94
CA ARG A 7 16.20 -31.17 18.00
C ARG A 7 16.06 -29.65 18.25
N THR A 8 15.72 -28.91 17.20
CA THR A 8 15.53 -27.47 17.32
C THR A 8 14.25 -27.15 18.09
N ARG A 9 14.23 -26.01 18.75
CA ARG A 9 13.20 -25.71 19.73
C ARG A 9 12.76 -24.24 19.68
N VAL A 10 11.46 -24.01 19.63
CA VAL A 10 10.93 -22.65 19.69
C VAL A 10 9.62 -22.57 20.52
N GLY A 11 9.63 -21.79 21.59
CA GLY A 11 8.48 -21.75 22.48
C GLY A 11 8.32 -23.14 23.07
N LYS A 12 7.11 -23.63 23.18
CA LYS A 12 6.93 -25.00 23.67
C LYS A 12 6.98 -26.02 22.52
N TYR A 13 7.41 -25.56 21.34
CA TYR A 13 7.38 -26.42 20.15
C TYR A 13 8.76 -26.90 19.75
N GLU A 14 8.87 -28.19 19.51
CA GLU A 14 10.11 -28.79 19.04
C GLU A 14 9.97 -29.02 17.55
N LEU A 15 10.92 -28.49 16.79
CA LEU A 15 10.83 -28.54 15.32
C LEU A 15 11.40 -29.80 14.71
N GLY A 16 10.63 -30.40 13.81
CA GLY A 16 11.07 -31.59 13.10
C GLY A 16 11.67 -31.26 11.76
N ARG A 17 11.60 -32.22 10.85
CA ARG A 17 12.29 -32.08 9.57
C ARG A 17 11.50 -31.15 8.65
N THR A 18 12.20 -30.63 7.66
CA THR A 18 11.60 -29.79 6.64
C THR A 18 10.76 -30.61 5.67
N LEU A 19 9.49 -30.24 5.55
CA LEU A 19 8.60 -30.84 4.60
C LEU A 19 8.79 -30.20 3.22
N GLY A 20 8.74 -28.86 3.20
CA GLY A 20 8.91 -28.10 1.96
C GLY A 20 9.82 -26.89 2.14
N GLU A 21 10.53 -26.54 1.09
CA GLU A 21 11.38 -25.36 1.15
C GLU A 21 11.17 -24.49 -0.08
N GLY A 22 10.89 -23.21 0.15
CA GLY A 22 10.87 -22.22 -0.90
C GLY A 22 12.09 -21.32 -0.72
N THR A 23 12.11 -20.18 -1.41
CA THR A 23 13.21 -19.24 -1.34
C THR A 23 13.28 -18.51 0.00
N PHE A 24 12.12 -18.15 0.56
CA PHE A 24 12.10 -17.37 1.79
C PHE A 24 11.41 -18.06 2.96
N ALA A 25 10.73 -19.15 2.67
CA ALA A 25 9.88 -19.82 3.66
C ALA A 25 10.11 -21.32 3.62
N LYS A 26 9.88 -22.00 4.74
CA LYS A 26 9.98 -23.45 4.81
C LYS A 26 8.80 -23.91 5.63
N VAL A 27 8.38 -25.16 5.45
CA VAL A 27 7.39 -25.74 6.34
C VAL A 27 7.97 -26.96 7.03
N LYS A 28 7.82 -27.02 8.35
CA LYS A 28 8.31 -28.15 9.15
C LYS A 28 7.18 -28.68 10.01
N PHE A 29 7.25 -29.97 10.34
CA PHE A 29 6.42 -30.52 11.40
C PHE A 29 6.99 -30.05 12.72
N ALA A 30 6.14 -30.01 13.74
CA ALA A 30 6.62 -29.69 15.06
C ALA A 30 5.66 -30.31 16.05
N ARG A 31 6.10 -30.39 17.28
CA ARG A 31 5.23 -30.92 18.30
C ARG A 31 5.37 -30.14 19.60
N ASN A 32 4.25 -29.96 20.28
CA ASN A 32 4.20 -29.26 21.54
C ASN A 32 4.77 -30.20 22.59
N VAL A 33 5.84 -29.79 23.26
CA VAL A 33 6.49 -30.68 24.23
C VAL A 33 5.74 -30.75 25.56
N GLU A 34 4.69 -29.94 25.71
CA GLU A 34 3.93 -29.97 26.95
C GLU A 34 2.81 -30.99 26.87
N ASN A 35 2.13 -31.03 25.73
CA ASN A 35 0.93 -31.86 25.63
C ASN A 35 0.89 -32.79 24.42
N GLY A 36 1.97 -32.81 23.65
CA GLY A 36 2.11 -33.73 22.55
C GLY A 36 1.48 -33.35 21.22
N ASP A 37 0.78 -32.21 21.19
CA ASP A 37 0.10 -31.75 19.96
C ASP A 37 1.07 -31.70 18.79
N ASN A 38 0.64 -32.24 17.65
CA ASN A 38 1.43 -32.12 16.43
C ASN A 38 0.88 -30.97 15.62
N VAL A 39 1.76 -30.12 15.12
CA VAL A 39 1.33 -28.94 14.36
C VAL A 39 2.24 -28.81 13.17
N ALA A 40 1.96 -27.82 12.31
CA ALA A 40 2.86 -27.52 11.21
C ALA A 40 3.36 -26.12 11.50
N ILE A 41 4.62 -25.83 11.20
CA ILE A 41 5.12 -24.48 11.42
C ILE A 41 5.73 -23.97 10.13
N LYS A 42 5.21 -22.83 9.66
CA LYS A 42 5.79 -22.16 8.50
C LYS A 42 6.77 -21.12 8.99
N VAL A 43 8.04 -21.25 8.60
CA VAL A 43 9.10 -20.39 9.09
C VAL A 43 9.47 -19.49 7.93
N ILE A 44 9.40 -18.18 8.11
CA ILE A 44 9.67 -17.25 7.02
C ILE A 44 10.71 -16.21 7.43
N ASP A 45 11.58 -15.87 6.48
CA ASP A 45 12.61 -14.85 6.68
CA ASP A 45 12.60 -14.85 6.70
C ASP A 45 11.99 -13.54 7.17
N LYS A 46 12.42 -13.09 8.34
CA LYS A 46 11.76 -11.94 8.96
C LYS A 46 11.93 -10.61 8.21
N GLU A 47 13.14 -10.35 7.71
CA GLU A 47 13.42 -9.11 6.98
C GLU A 47 12.60 -9.01 5.72
N LYS A 48 12.47 -10.15 5.05
CA LYS A 48 11.66 -10.24 3.84
C LYS A 48 10.22 -9.86 4.11
N VAL A 49 9.69 -10.33 5.23
CA VAL A 49 8.32 -10.03 5.61
C VAL A 49 8.13 -8.55 5.99
N LEU A 50 9.04 -8.01 6.78
CA LEU A 50 8.89 -6.66 7.33
C LEU A 50 9.10 -5.57 6.27
N LYS A 51 9.96 -5.84 5.30
CA LYS A 51 10.30 -4.86 4.27
CA LYS A 51 10.27 -4.83 4.30
C LYS A 51 9.31 -4.87 3.10
N ASN A 52 8.10 -4.42 3.37
CA ASN A 52 6.97 -4.48 2.45
C ASN A 52 6.07 -3.31 2.83
N LYS A 53 5.55 -2.60 1.83
CA LYS A 53 4.66 -1.48 2.07
CA LYS A 53 4.67 -1.48 2.08
C LYS A 53 3.33 -1.89 2.69
N MET A 54 3.04 -3.20 2.63
CA MET A 54 1.80 -3.71 3.18
C MET A 54 1.95 -4.35 4.57
N ILE A 55 3.07 -4.06 5.24
CA ILE A 55 3.36 -4.72 6.51
C ILE A 55 2.30 -4.43 7.58
N ALA A 56 1.67 -3.25 7.50
CA ALA A 56 0.64 -2.91 8.46
C ALA A 56 -0.59 -3.80 8.29
N GLN A 57 -1.02 -3.97 7.04
CA GLN A 57 -2.15 -4.84 6.74
C GLN A 57 -1.85 -6.27 7.13
N ILE A 58 -0.62 -6.70 6.87
CA ILE A 58 -0.17 -8.03 7.23
C ILE A 58 -0.22 -8.26 8.74
N LYS A 59 0.31 -7.33 9.53
CA LYS A 59 0.25 -7.48 10.98
C LYS A 59 -1.18 -7.56 11.47
N ARG A 60 -2.04 -6.73 10.90
CA ARG A 60 -3.44 -6.71 11.30
C ARG A 60 -4.13 -8.02 11.00
N GLU A 61 -3.97 -8.51 9.77
CA GLU A 61 -4.68 -9.72 9.36
C GLU A 61 -4.15 -10.96 10.08
N ILE A 62 -2.83 -11.02 10.28
CA ILE A 62 -2.24 -12.13 11.03
C ILE A 62 -2.65 -12.09 12.51
N SER A 63 -2.68 -10.89 13.08
CA SER A 63 -3.16 -10.70 14.46
C SER A 63 -4.60 -11.18 14.65
N THR A 64 -5.47 -10.83 13.70
CA THR A 64 -6.87 -11.24 13.74
C THR A 64 -7.04 -12.74 13.59
N MET A 65 -6.39 -13.34 12.60
CA MET A 65 -6.51 -14.78 12.39
C MET A 65 -5.97 -15.60 13.57
N LYS A 66 -4.98 -15.07 14.26
CA LYS A 66 -4.46 -15.75 15.45
C LYS A 66 -5.53 -15.88 16.53
N LEU A 67 -6.46 -14.93 16.56
CA LEU A 67 -7.48 -14.90 17.58
C LEU A 67 -8.76 -15.60 17.16
N ILE A 68 -8.94 -15.77 15.85
CA ILE A 68 -10.15 -16.38 15.32
C ILE A 68 -10.19 -17.88 15.57
N LYS A 69 -11.35 -18.36 16.02
CA LYS A 69 -11.60 -19.79 16.08
C LYS A 69 -12.92 -20.04 15.37
N HIS A 70 -12.86 -20.53 14.13
CA HIS A 70 -14.08 -20.84 13.40
C HIS A 70 -14.05 -22.33 13.05
N PRO A 71 -15.23 -22.99 13.11
CA PRO A 71 -15.26 -24.42 12.80
C PRO A 71 -14.88 -24.78 11.36
N ASN A 72 -14.89 -23.82 10.44
CA ASN A 72 -14.52 -24.12 9.04
C ASN A 72 -13.32 -23.33 8.55
N VAL A 73 -12.53 -22.84 9.50
CA VAL A 73 -11.29 -22.13 9.20
C VAL A 73 -10.13 -22.83 9.88
N ILE A 74 -9.08 -23.11 9.11
CA ILE A 74 -7.84 -23.64 9.68
C ILE A 74 -7.33 -22.72 10.78
N ARG A 75 -6.97 -23.31 11.92
CA ARG A 75 -6.49 -22.54 13.05
C ARG A 75 -5.03 -22.06 12.91
N MET A 76 -4.80 -20.79 13.25
CA MET A 76 -3.45 -20.33 13.52
C MET A 76 -3.27 -20.16 15.04
N PHE A 77 -2.59 -21.12 15.67
CA PHE A 77 -2.50 -21.17 17.12
C PHE A 77 -1.64 -20.06 17.72
N GLU A 78 -0.55 -19.77 17.03
CA GLU A 78 0.48 -18.95 17.64
C GLU A 78 1.39 -18.33 16.59
N VAL A 79 1.87 -17.12 16.87
CA VAL A 79 2.94 -16.58 16.06
C VAL A 79 4.09 -16.20 16.97
N MET A 80 5.29 -16.68 16.65
CA MET A 80 6.46 -16.39 17.43
C MET A 80 7.50 -15.89 16.47
N ALA A 81 8.58 -15.33 16.99
CA ALA A 81 9.61 -14.77 16.13
C ALA A 81 10.95 -14.76 16.82
N SER A 82 12.01 -14.91 16.03
CA SER A 82 13.37 -14.70 16.53
C SER A 82 13.86 -13.38 15.98
N LYS A 83 15.17 -13.15 16.08
CA LYS A 83 15.81 -12.02 15.43
C LYS A 83 15.60 -12.04 13.90
N THR A 84 15.57 -13.24 13.32
CA THR A 84 15.68 -13.41 11.86
C THR A 84 14.54 -14.20 11.19
N LYS A 85 13.68 -14.82 12.01
CA LYS A 85 12.62 -15.67 11.49
C LYS A 85 11.29 -15.37 12.14
N ILE A 86 10.21 -15.54 11.38
CA ILE A 86 8.87 -15.56 11.95
C ILE A 86 8.33 -16.98 11.85
N TYR A 87 7.73 -17.47 12.94
CA TYR A 87 7.18 -18.81 13.01
C TYR A 87 5.66 -18.77 13.11
N PHE A 88 4.96 -19.27 12.09
CA PHE A 88 3.51 -19.31 12.14
C PHE A 88 3.13 -20.74 12.48
N VAL A 89 2.42 -20.92 13.60
CA VAL A 89 2.09 -22.25 14.11
C VAL A 89 0.65 -22.58 13.74
N LEU A 90 0.50 -23.61 12.92
CA LEU A 90 -0.73 -23.86 12.21
C LEU A 90 -1.27 -25.29 12.39
N GLU A 91 -2.59 -25.41 12.27
CA GLU A 91 -3.30 -26.69 12.37
C GLU A 91 -3.11 -27.59 11.15
N PHE A 92 -2.91 -28.89 11.42
CA PHE A 92 -2.98 -29.94 10.40
C PHE A 92 -4.40 -30.48 10.31
N VAL A 93 -4.83 -30.85 9.11
CA VAL A 93 -6.02 -31.69 9.00
C VAL A 93 -5.70 -32.91 8.14
N THR A 94 -6.51 -33.96 8.29
CA THR A 94 -6.17 -35.26 7.74
C THR A 94 -6.97 -35.66 6.49
N GLY A 95 -8.10 -34.98 6.26
CA GLY A 95 -9.04 -35.38 5.24
C GLY A 95 -8.70 -35.06 3.80
N GLY A 96 -7.52 -34.49 3.56
CA GLY A 96 -7.09 -34.13 2.21
C GLY A 96 -7.75 -32.88 1.64
N GLU A 97 -7.80 -32.79 0.30
CA GLU A 97 -8.43 -31.67 -0.40
C GLU A 97 -9.86 -31.98 -0.82
N LEU A 98 -10.74 -30.98 -0.73
CA LEU A 98 -12.14 -31.15 -1.10
C LEU A 98 -12.29 -31.68 -2.53
N PHE A 99 -11.51 -31.15 -3.47
CA PHE A 99 -11.71 -31.51 -4.90
C PHE A 99 -11.24 -32.94 -5.24
N ASP A 100 -10.62 -33.62 -4.28
CA ASP A 100 -10.24 -35.02 -4.44
C ASP A 100 -11.47 -35.89 -4.72
N LYS A 101 -12.58 -35.54 -4.09
CA LYS A 101 -13.83 -36.25 -4.29
C LYS A 101 -14.26 -36.14 -5.74
N ILE A 102 -14.21 -34.91 -6.25
CA ILE A 102 -14.58 -34.62 -7.62
C ILE A 102 -13.67 -35.36 -8.57
N SER A 103 -12.37 -35.19 -8.33
CA SER A 103 -11.34 -35.73 -9.21
C SER A 103 -11.39 -37.26 -9.33
N SER A 104 -12.21 -37.89 -8.49
CA SER A 104 -12.34 -39.35 -8.47
CA SER A 104 -12.34 -39.34 -8.51
C SER A 104 -13.77 -39.83 -8.75
N ASN A 105 -14.75 -39.07 -8.26
CA ASN A 105 -16.16 -39.47 -8.37
C ASN A 105 -17.01 -38.46 -9.13
N GLY A 106 -16.38 -37.43 -9.67
CA GLY A 106 -17.14 -36.38 -10.32
C GLY A 106 -18.03 -35.64 -9.32
N ARG A 107 -19.01 -34.94 -9.86
CA ARG A 107 -19.92 -34.08 -9.12
C ARG A 107 -20.53 -34.66 -7.84
N LEU A 108 -20.84 -33.77 -6.90
CA LEU A 108 -21.57 -34.15 -5.69
C LEU A 108 -23.08 -33.90 -5.89
N LYS A 109 -23.92 -34.54 -5.06
CA LYS A 109 -25.35 -34.26 -5.09
C LYS A 109 -25.59 -32.84 -4.66
N GLU A 110 -26.73 -32.27 -5.06
CA GLU A 110 -27.09 -30.89 -4.74
C GLU A 110 -26.97 -30.60 -3.25
N ASP A 111 -27.57 -31.45 -2.43
CA ASP A 111 -27.56 -31.25 -0.98
C ASP A 111 -26.16 -31.26 -0.36
N GLU A 112 -25.31 -32.19 -0.80
CA GLU A 112 -23.97 -32.23 -0.24
C GLU A 112 -23.12 -31.04 -0.72
N ALA A 113 -23.25 -30.70 -2.00
CA ALA A 113 -22.56 -29.52 -2.51
C ALA A 113 -23.06 -28.27 -1.78
N ARG A 114 -24.36 -28.15 -1.57
CA ARG A 114 -24.92 -27.01 -0.87
C ARG A 114 -24.41 -26.95 0.57
N LYS A 115 -24.15 -28.10 1.17
CA LYS A 115 -23.62 -28.13 2.52
C LYS A 115 -22.21 -27.53 2.61
N TYR A 116 -21.32 -27.98 1.71
CA TYR A 116 -19.95 -27.46 1.69
C TYR A 116 -19.92 -25.98 1.35
N PHE A 117 -20.88 -25.57 0.53
CA PHE A 117 -20.97 -24.18 0.12
C PHE A 117 -21.40 -23.29 1.29
N GLN A 118 -22.37 -23.77 2.08
CA GLN A 118 -22.79 -23.07 3.29
C GLN A 118 -21.61 -22.92 4.26
N GLN A 119 -20.81 -23.97 4.38
CA GLN A 119 -19.62 -23.94 5.22
C GLN A 119 -18.60 -22.92 4.72
N LEU A 120 -18.43 -22.87 3.41
CA LEU A 120 -17.47 -21.98 2.79
C LEU A 120 -17.93 -20.55 2.96
N ILE A 121 -19.19 -20.29 2.65
CA ILE A 121 -19.73 -18.94 2.69
C ILE A 121 -19.71 -18.38 4.11
N ASN A 122 -20.04 -19.24 5.08
CA ASN A 122 -20.05 -18.86 6.48
CA ASN A 122 -20.06 -18.81 6.46
C ASN A 122 -18.68 -18.42 6.97
N ALA A 123 -17.68 -19.27 6.72
CA ALA A 123 -16.30 -19.00 7.12
C ALA A 123 -15.74 -17.73 6.48
N VAL A 124 -15.90 -17.59 5.18
CA VAL A 124 -15.39 -16.43 4.46
C VAL A 124 -16.06 -15.13 4.92
N ASP A 125 -17.39 -15.16 5.04
CA ASP A 125 -18.15 -13.99 5.49
C ASP A 125 -17.75 -13.62 6.92
N TYR A 126 -17.50 -14.63 7.73
CA TYR A 126 -17.03 -14.44 9.09
C TYR A 126 -15.70 -13.69 9.15
N CYS A 127 -14.76 -14.11 8.31
CA CYS A 127 -13.46 -13.46 8.29
C CYS A 127 -13.60 -12.04 7.74
N HIS A 128 -14.45 -11.87 6.73
CA HIS A 128 -14.72 -10.54 6.18
C HIS A 128 -15.22 -9.58 7.28
N SER A 129 -16.13 -10.07 8.10
CA SER A 129 -16.70 -9.25 9.17
C SER A 129 -15.65 -8.80 10.18
N ARG A 130 -14.51 -9.51 10.21
CA ARG A 130 -13.36 -9.15 11.04
C ARG A 130 -12.27 -8.42 10.27
N GLY A 131 -12.57 -8.04 9.04
CA GLY A 131 -11.62 -7.27 8.25
C GLY A 131 -10.57 -8.08 7.50
N VAL A 132 -10.77 -9.39 7.38
CA VAL A 132 -9.78 -10.20 6.68
C VAL A 132 -10.34 -10.73 5.36
N TYR A 133 -9.65 -10.41 4.26
CA TYR A 133 -10.07 -10.83 2.93
C TYR A 133 -9.07 -11.84 2.41
N HIS A 134 -9.54 -12.90 1.75
CA HIS A 134 -8.62 -13.96 1.38
C HIS A 134 -7.89 -13.59 0.12
N ARG A 135 -8.66 -13.33 -0.94
CA ARG A 135 -8.14 -12.92 -2.25
C ARG A 135 -7.35 -13.98 -3.01
N ASP A 136 -7.24 -15.20 -2.48
CA ASP A 136 -6.45 -16.21 -3.18
C ASP A 136 -7.11 -17.57 -3.04
N LEU A 137 -8.45 -17.59 -2.99
CA LEU A 137 -9.19 -18.83 -2.80
C LEU A 137 -9.07 -19.72 -4.03
N LYS A 138 -8.64 -20.96 -3.82
CA LYS A 138 -8.38 -21.91 -4.90
C LYS A 138 -8.47 -23.32 -4.29
N PRO A 139 -8.47 -24.38 -5.12
CA PRO A 139 -8.67 -25.75 -4.61
C PRO A 139 -7.71 -26.13 -3.47
N GLU A 140 -6.47 -25.69 -3.60
CA GLU A 140 -5.41 -25.96 -2.63
C GLU A 140 -5.70 -25.40 -1.22
N ASN A 141 -6.66 -24.48 -1.11
CA ASN A 141 -7.01 -23.92 0.20
C ASN A 141 -8.27 -24.55 0.78
N LEU A 142 -8.85 -25.52 0.07
CA LEU A 142 -10.09 -26.11 0.56
C LEU A 142 -9.81 -27.51 1.12
N LEU A 143 -9.46 -27.57 2.40
CA LEU A 143 -9.08 -28.83 3.02
C LEU A 143 -10.28 -29.45 3.75
N LEU A 144 -10.10 -30.67 4.24
CA LEU A 144 -11.19 -31.37 4.93
C LEU A 144 -10.68 -31.96 6.23
N ASP A 145 -11.47 -31.87 7.31
CA ASP A 145 -11.10 -32.58 8.54
C ASP A 145 -11.56 -34.05 8.47
N ALA A 146 -11.15 -34.88 9.43
CA ALA A 146 -11.55 -36.30 9.44
C ALA A 146 -13.06 -36.50 9.40
N ASN A 147 -13.80 -35.54 9.96
CA ASN A 147 -15.27 -35.54 9.91
C ASN A 147 -15.80 -35.23 8.51
N GLY A 148 -14.89 -34.86 7.62
CA GLY A 148 -15.27 -34.46 6.28
C GLY A 148 -15.86 -33.06 6.27
N ALA A 149 -15.53 -32.26 7.28
CA ALA A 149 -15.93 -30.85 7.27
C ALA A 149 -14.87 -29.98 6.60
N LEU A 150 -15.31 -28.99 5.84
CA LEU A 150 -14.40 -28.07 5.15
C LEU A 150 -13.59 -27.23 6.15
N LYS A 151 -12.28 -27.11 5.90
CA LYS A 151 -11.39 -26.20 6.62
C LYS A 151 -10.66 -25.32 5.60
N VAL A 152 -10.98 -24.03 5.57
CA VAL A 152 -10.33 -23.11 4.64
C VAL A 152 -8.98 -22.65 5.16
N SER A 153 -7.94 -22.81 4.35
CA SER A 153 -6.59 -22.44 4.73
C SER A 153 -6.13 -21.13 4.10
N ASP A 154 -5.04 -20.62 4.65
CA ASP A 154 -4.34 -19.42 4.20
C ASP A 154 -4.98 -18.07 4.50
N PHE A 155 -6.05 -18.03 5.30
CA PHE A 155 -6.53 -16.73 5.76
C PHE A 155 -5.41 -16.09 6.58
N GLY A 156 -5.19 -14.80 6.40
CA GLY A 156 -4.09 -14.13 7.08
C GLY A 156 -2.77 -14.25 6.34
N LEU A 157 -2.27 -15.49 6.21
CA LEU A 157 -1.05 -15.75 5.44
C LEU A 157 -1.15 -15.22 4.02
N SER A 158 -2.35 -15.22 3.46
CA SER A 158 -2.50 -14.80 2.07
C SER A 158 -2.21 -13.31 1.89
N ALA A 159 -2.11 -12.59 3.01
CA ALA A 159 -1.72 -11.18 2.96
C ALA A 159 -0.24 -11.01 2.63
N LEU A 160 0.56 -12.02 2.92
CA LEU A 160 1.98 -11.98 2.55
C LEU A 160 2.08 -12.09 1.02
N PRO A 161 3.10 -11.47 0.42
CA PRO A 161 3.31 -11.64 -1.02
C PRO A 161 3.54 -13.12 -1.34
N GLN A 162 2.95 -13.62 -2.42
CA GLN A 162 3.02 -15.05 -2.71
C GLN A 162 4.45 -15.56 -2.82
N GLN A 163 5.35 -14.69 -3.27
CA GLN A 163 6.75 -15.08 -3.44
C GLN A 163 7.50 -15.26 -2.12
N VAL A 164 7.09 -14.51 -1.11
CA VAL A 164 7.71 -14.60 0.21
C VAL A 164 7.15 -15.82 0.95
N ARG A 165 5.87 -16.09 0.72
CA ARG A 165 5.12 -17.23 1.29
C ARG A 165 5.56 -18.57 0.72
N GLU A 166 5.98 -18.56 -0.55
CA GLU A 166 6.24 -19.81 -1.30
C GLU A 166 7.09 -20.80 -0.52
N ASP A 167 6.53 -21.99 -0.26
CA ASP A 167 7.16 -22.99 0.61
C ASP A 167 7.61 -24.28 -0.07
N GLY A 168 7.56 -24.32 -1.39
CA GLY A 168 7.96 -25.50 -2.13
C GLY A 168 6.99 -26.66 -2.07
N LEU A 169 5.71 -26.39 -1.83
CA LEU A 169 4.67 -27.43 -1.79
C LEU A 169 3.53 -27.23 -2.80
N LEU A 170 3.78 -26.44 -3.84
CA LEU A 170 2.82 -26.24 -4.94
C LEU A 170 1.44 -25.70 -4.56
N HIS A 171 1.41 -24.56 -3.87
CA HIS A 171 0.13 -23.87 -3.62
C HIS A 171 0.22 -22.34 -3.63
N ASP A 172 1.31 -21.77 -3.13
CA ASP A 172 1.35 -20.33 -2.92
C ASP A 172 1.36 -19.51 -4.22
N THR A 173 2.23 -19.87 -5.16
CA THR A 173 2.39 -19.08 -6.38
C THR A 173 1.67 -19.68 -7.58
N CYS A 174 0.61 -20.42 -7.29
CA CYS A 174 -0.23 -21.01 -8.33
C CYS A 174 -0.85 -19.95 -9.23
N GLY A 175 -1.55 -18.98 -8.64
CA GLY A 175 -2.12 -17.88 -9.41
C GLY A 175 -3.02 -18.30 -10.56
N THR A 176 -3.72 -19.43 -10.37
CA THR A 176 -4.60 -19.98 -11.41
C THR A 176 -5.80 -19.07 -11.72
N PRO A 177 -5.91 -18.58 -12.98
CA PRO A 177 -6.92 -17.60 -13.37
C PRO A 177 -8.37 -18.10 -13.32
N ASN A 178 -8.57 -19.41 -13.37
CA ASN A 178 -9.91 -19.97 -13.43
C ASN A 178 -10.77 -19.64 -12.21
N TYR A 179 -10.11 -19.37 -11.08
CA TYR A 179 -10.77 -19.07 -9.81
C TYR A 179 -10.86 -17.57 -9.50
N VAL A 180 -10.27 -16.76 -10.39
CA VAL A 180 -10.08 -15.34 -10.12
C VAL A 180 -11.13 -14.45 -10.80
N ALA A 181 -11.65 -13.46 -10.07
CA ALA A 181 -12.68 -12.57 -10.61
C ALA A 181 -12.10 -11.67 -11.69
N PRO A 182 -12.90 -11.34 -12.71
CA PRO A 182 -12.42 -10.52 -13.83
C PRO A 182 -11.85 -9.15 -13.40
N GLU A 183 -12.47 -8.50 -12.41
CA GLU A 183 -11.97 -7.22 -11.92
C GLU A 183 -10.59 -7.35 -11.28
N VAL A 184 -10.32 -8.50 -10.69
CA VAL A 184 -9.01 -8.78 -10.08
C VAL A 184 -7.97 -9.06 -11.15
N ILE A 185 -8.36 -9.83 -12.16
CA ILE A 185 -7.48 -10.06 -13.31
C ILE A 185 -7.09 -8.73 -13.93
N ASN A 186 -8.06 -7.82 -13.96
CA ASN A 186 -7.89 -6.48 -14.52
C ASN A 186 -7.17 -5.49 -13.59
N ASN A 187 -6.61 -5.99 -12.50
CA ASN A 187 -5.95 -5.16 -11.49
C ASN A 187 -6.83 -4.06 -10.88
N LYS A 188 -8.13 -4.32 -10.80
CA LYS A 188 -9.07 -3.36 -10.21
C LYS A 188 -10.02 -4.01 -9.19
N GLY A 189 -9.53 -5.03 -8.49
CA GLY A 189 -10.38 -5.72 -7.54
C GLY A 189 -10.35 -5.04 -6.19
N TYR A 190 -10.94 -3.85 -6.10
CA TYR A 190 -10.95 -3.09 -4.85
C TYR A 190 -11.75 -3.80 -3.75
N ASP A 191 -12.97 -4.20 -4.07
CA ASP A 191 -13.85 -4.88 -3.11
C ASP A 191 -13.40 -6.33 -2.91
N GLY A 192 -12.65 -6.59 -1.83
CA GLY A 192 -12.20 -7.93 -1.52
C GLY A 192 -13.32 -8.92 -1.23
N ALA A 193 -14.44 -8.46 -0.70
CA ALA A 193 -15.57 -9.35 -0.43
C ALA A 193 -16.19 -9.92 -1.72
N LYS A 194 -16.44 -9.05 -2.70
CA LYS A 194 -16.95 -9.47 -4.01
C LYS A 194 -15.95 -10.35 -4.76
N ALA A 195 -14.66 -10.08 -4.58
CA ALA A 195 -13.64 -10.90 -5.23
C ALA A 195 -13.65 -12.30 -4.65
N ASP A 196 -13.70 -12.42 -3.33
CA ASP A 196 -13.77 -13.75 -2.71
C ASP A 196 -15.05 -14.50 -3.09
N LEU A 197 -16.14 -13.75 -3.23
CA LEU A 197 -17.45 -14.34 -3.54
C LEU A 197 -17.45 -14.98 -4.92
N TRP A 198 -16.86 -14.29 -5.89
CA TRP A 198 -16.68 -14.85 -7.23
C TRP A 198 -15.96 -16.21 -7.17
N SER A 199 -14.84 -16.27 -6.48
CA SER A 199 -14.13 -17.53 -6.29
C SER A 199 -15.02 -18.61 -5.69
N CYS A 200 -15.86 -18.23 -4.72
CA CYS A 200 -16.74 -19.18 -4.04
C CYS A 200 -17.79 -19.70 -5.03
N GLY A 201 -18.26 -18.84 -5.91
CA GLY A 201 -19.19 -19.25 -6.96
C GLY A 201 -18.58 -20.20 -7.97
N VAL A 202 -17.31 -20.01 -8.28
CA VAL A 202 -16.62 -20.93 -9.16
C VAL A 202 -16.48 -22.27 -8.47
N ILE A 203 -16.17 -22.24 -7.18
CA ILE A 203 -16.06 -23.45 -6.37
C ILE A 203 -17.39 -24.22 -6.29
N LEU A 204 -18.49 -23.50 -6.06
CA LEU A 204 -19.81 -24.12 -6.01
C LEU A 204 -20.12 -24.77 -7.35
N PHE A 205 -19.81 -24.05 -8.43
CA PHE A 205 -20.04 -24.61 -9.77
C PHE A 205 -19.33 -25.95 -9.94
N VAL A 206 -18.06 -26.01 -9.57
CA VAL A 206 -17.27 -27.24 -9.70
C VAL A 206 -17.87 -28.40 -8.90
N LEU A 207 -18.33 -28.13 -7.69
CA LEU A 207 -18.87 -29.19 -6.83
C LEU A 207 -20.12 -29.81 -7.46
N MET A 208 -20.99 -28.97 -7.99
CA MET A 208 -22.25 -29.43 -8.54
C MET A 208 -22.13 -29.92 -9.98
N ALA A 209 -21.21 -29.35 -10.74
CA ALA A 209 -21.04 -29.77 -12.15
C ALA A 209 -19.96 -30.84 -12.35
N GLY A 210 -18.95 -30.83 -11.49
CA GLY A 210 -17.80 -31.71 -11.64
C GLY A 210 -16.70 -31.14 -12.55
N TYR A 211 -16.90 -29.94 -13.05
CA TYR A 211 -15.89 -29.29 -13.88
C TYR A 211 -15.98 -27.78 -13.74
N LEU A 212 -14.97 -27.08 -14.28
CA LEU A 212 -14.86 -25.64 -14.19
C LEU A 212 -15.83 -24.92 -15.12
N PRO A 213 -16.39 -23.78 -14.66
CA PRO A 213 -17.28 -23.01 -15.53
C PRO A 213 -16.54 -22.34 -16.69
N PHE A 214 -15.31 -21.87 -16.43
CA PHE A 214 -14.47 -21.24 -17.47
C PHE A 214 -13.18 -22.05 -17.61
N GLU A 215 -12.96 -22.63 -18.79
CA GLU A 215 -11.71 -23.33 -19.02
C GLU A 215 -11.41 -23.26 -20.50
N ASP A 216 -10.12 -23.25 -20.84
CA ASP A 216 -9.72 -23.28 -22.25
C ASP A 216 -8.21 -23.48 -22.27
N SER A 217 -7.73 -24.29 -23.22
CA SER A 217 -6.28 -24.48 -23.40
C SER A 217 -5.63 -23.22 -23.99
N ASN A 218 -6.43 -22.42 -24.69
CA ASN A 218 -5.98 -21.13 -25.25
C ASN A 218 -6.16 -20.01 -24.23
N LEU A 219 -5.05 -19.41 -23.79
CA LEU A 219 -5.07 -18.42 -22.70
C LEU A 219 -5.92 -17.18 -23.02
N THR A 220 -5.84 -16.72 -24.27
CA THR A 220 -6.66 -15.60 -24.73
C THR A 220 -8.16 -15.91 -24.59
N SER A 221 -8.57 -17.09 -25.05
CA SER A 221 -9.97 -17.48 -24.97
C SER A 221 -10.41 -17.66 -23.51
N LEU A 222 -9.50 -18.18 -22.70
CA LEU A 222 -9.78 -18.35 -21.27
C LEU A 222 -10.13 -17.00 -20.61
N TYR A 223 -9.22 -16.02 -20.72
CA TYR A 223 -9.48 -14.71 -20.13
C TYR A 223 -10.75 -14.08 -20.72
N LYS A 224 -10.97 -14.26 -22.02
CA LYS A 224 -12.18 -13.70 -22.64
C LYS A 224 -13.45 -14.29 -22.05
N LYS A 225 -13.46 -15.61 -21.84
CA LYS A 225 -14.60 -16.27 -21.21
C LYS A 225 -14.85 -15.72 -19.81
N ILE A 226 -13.77 -15.50 -19.07
CA ILE A 226 -13.87 -14.95 -17.72
C ILE A 226 -14.45 -13.54 -17.73
N PHE A 227 -13.90 -12.65 -18.55
CA PHE A 227 -14.37 -11.26 -18.57
C PHE A 227 -15.84 -11.14 -18.97
N LYS A 228 -16.31 -12.05 -19.81
CA LYS A 228 -17.70 -12.00 -20.28
C LYS A 228 -18.61 -12.86 -19.42
N ALA A 229 -18.02 -13.58 -18.46
CA ALA A 229 -18.76 -14.53 -17.64
C ALA A 229 -19.58 -15.45 -18.55
N GLU A 230 -18.92 -15.95 -19.59
CA GLU A 230 -19.57 -16.83 -20.54
C GLU A 230 -19.43 -18.26 -20.03
N PHE A 231 -20.55 -18.83 -19.59
CA PHE A 231 -20.57 -20.21 -19.13
C PHE A 231 -21.98 -20.76 -19.22
N THR A 232 -22.07 -22.08 -19.14
CA THR A 232 -23.34 -22.80 -19.26
C THR A 232 -23.53 -23.75 -18.08
N CYS A 233 -24.65 -23.63 -17.38
CA CYS A 233 -24.97 -24.57 -16.31
C CYS A 233 -25.45 -25.89 -16.90
N PRO A 234 -25.00 -27.02 -16.32
CA PRO A 234 -25.44 -28.31 -16.87
C PRO A 234 -26.95 -28.50 -16.65
N PRO A 235 -27.56 -29.49 -17.32
CA PRO A 235 -29.03 -29.61 -17.24
C PRO A 235 -29.56 -30.10 -15.87
N TRP A 236 -28.73 -30.74 -15.06
CA TRP A 236 -29.16 -31.18 -13.72
C TRP A 236 -29.26 -30.08 -12.66
N PHE A 237 -28.69 -28.90 -12.91
CA PHE A 237 -28.85 -27.77 -11.99
C PHE A 237 -30.33 -27.38 -11.90
N SER A 238 -30.84 -27.19 -10.69
CA SER A 238 -32.21 -26.71 -10.51
C SER A 238 -32.30 -25.25 -10.95
N ALA A 239 -33.52 -24.78 -11.17
CA ALA A 239 -33.74 -23.39 -11.59
C ALA A 239 -33.18 -22.39 -10.58
N SER A 240 -33.37 -22.70 -9.29
CA SER A 240 -32.96 -21.81 -8.21
C SER A 240 -31.43 -21.73 -8.07
N ALA A 241 -30.76 -22.87 -8.22
CA ALA A 241 -29.31 -22.92 -8.14
C ALA A 241 -28.67 -22.15 -9.29
N LYS A 242 -29.19 -22.35 -10.50
CA LYS A 242 -28.76 -21.60 -11.65
C LYS A 242 -28.96 -20.11 -11.46
N LYS A 243 -30.08 -19.75 -10.84
CA LYS A 243 -30.37 -18.35 -10.60
C LYS A 243 -29.29 -17.72 -9.72
N LEU A 244 -28.94 -18.41 -8.64
CA LEU A 244 -27.93 -17.95 -7.68
C LEU A 244 -26.53 -17.87 -8.29
N ILE A 245 -26.12 -18.94 -8.97
CA ILE A 245 -24.79 -18.97 -9.59
C ILE A 245 -24.58 -17.84 -10.59
N LYS A 246 -25.61 -17.53 -11.38
CA LYS A 246 -25.53 -16.45 -12.34
C LYS A 246 -25.45 -15.07 -11.70
N ARG A 247 -25.96 -14.95 -10.48
CA ARG A 247 -25.89 -13.71 -9.72
C ARG A 247 -24.50 -13.53 -9.10
N ILE A 248 -23.89 -14.65 -8.70
CA ILE A 248 -22.52 -14.65 -8.21
C ILE A 248 -21.51 -14.42 -9.33
N LEU A 249 -21.67 -15.15 -10.42
CA LEU A 249 -20.74 -15.01 -11.54
C LEU A 249 -21.15 -13.88 -12.48
N ASP A 250 -21.44 -12.72 -11.90
CA ASP A 250 -21.67 -11.49 -12.64
C ASP A 250 -20.30 -10.83 -12.71
N PRO A 251 -19.82 -10.52 -13.92
CA PRO A 251 -18.45 -9.99 -14.04
C PRO A 251 -18.33 -8.51 -13.61
N ASN A 252 -19.45 -7.82 -13.45
CA ASN A 252 -19.44 -6.50 -12.83
C ASN A 252 -19.60 -6.61 -11.30
N PRO A 253 -18.53 -6.32 -10.54
CA PRO A 253 -18.61 -6.49 -9.07
C PRO A 253 -19.65 -5.57 -8.43
N ALA A 254 -19.98 -4.48 -9.11
CA ALA A 254 -20.99 -3.54 -8.62
C ALA A 254 -22.39 -4.16 -8.62
N THR A 255 -22.73 -4.89 -9.68
CA THR A 255 -24.06 -5.48 -9.78
C THR A 255 -24.09 -6.91 -9.22
N ARG A 256 -22.91 -7.47 -8.97
CA ARG A 256 -22.80 -8.81 -8.40
C ARG A 256 -23.53 -8.85 -7.06
N ILE A 257 -24.19 -9.98 -6.79
CA ILE A 257 -24.88 -10.22 -5.53
C ILE A 257 -23.87 -10.07 -4.36
N THR A 258 -24.35 -9.66 -3.19
CA THR A 258 -23.48 -9.49 -2.03
C THR A 258 -23.49 -10.76 -1.20
N PHE A 259 -22.49 -10.92 -0.32
CA PHE A 259 -22.44 -12.04 0.61
C PHE A 259 -23.72 -12.11 1.45
N ALA A 260 -24.17 -10.96 1.93
CA ALA A 260 -25.38 -10.91 2.75
C ALA A 260 -26.60 -11.43 1.99
N GLU A 261 -26.72 -11.05 0.72
CA GLU A 261 -27.86 -11.49 -0.10
C GLU A 261 -27.80 -12.98 -0.42
N VAL A 262 -26.59 -13.51 -0.62
CA VAL A 262 -26.44 -14.95 -0.78
C VAL A 262 -27.00 -15.70 0.42
N ILE A 263 -26.61 -15.26 1.62
CA ILE A 263 -27.07 -15.90 2.86
C ILE A 263 -28.60 -15.92 2.98
N GLU A 264 -29.27 -14.95 2.38
CA GLU A 264 -30.72 -14.84 2.43
C GLU A 264 -31.40 -15.43 1.20
N ASN A 265 -30.60 -15.93 0.27
CA ASN A 265 -31.14 -16.58 -0.92
C ASN A 265 -31.89 -17.85 -0.54
N GLU A 266 -33.05 -18.07 -1.15
CA GLU A 266 -33.92 -19.18 -0.78
C GLU A 266 -33.29 -20.56 -0.99
N TRP A 267 -32.47 -20.69 -2.03
CA TRP A 267 -31.77 -21.95 -2.30
C TRP A 267 -30.66 -22.20 -1.27
N PHE A 268 -29.96 -21.14 -0.88
CA PHE A 268 -28.86 -21.24 0.09
C PHE A 268 -29.40 -21.60 1.46
N LYS A 269 -30.56 -21.05 1.79
CA LYS A 269 -31.17 -21.25 3.11
C LYS A 269 -31.71 -22.67 3.34
N LYS A 270 -31.81 -23.45 2.26
CA LYS A 270 -32.30 -24.83 2.35
C LYS A 270 -31.42 -25.69 3.26
N GLY A 271 -31.96 -26.08 4.40
CA GLY A 271 -31.25 -26.94 5.34
C GLY A 271 -30.15 -26.18 6.04
N TYR A 272 -30.18 -24.86 5.94
CA TYR A 272 -29.12 -24.03 6.45
C TYR A 272 -29.20 -23.82 7.97
N LYS A 273 -28.04 -23.94 8.62
CA LYS A 273 -27.93 -23.81 10.06
C LYS A 273 -26.60 -23.13 10.42
N ALA A 274 -26.64 -21.82 10.66
CA ALA A 274 -25.43 -21.06 10.96
C ALA A 274 -24.74 -21.57 12.23
N PRO A 275 -23.40 -21.59 12.22
CA PRO A 275 -22.57 -22.11 13.32
C PRO A 275 -22.94 -21.58 14.71
N LYS A 276 -22.81 -22.49 15.66
CA LYS A 276 -22.99 -22.22 17.07
C LYS A 276 -21.60 -22.22 17.66
N PHE A 277 -20.99 -21.06 17.74
CA PHE A 277 -19.62 -21.00 18.22
C PHE A 277 -19.26 -19.65 18.84
N GLU A 278 -18.23 -19.70 19.68
CA GLU A 278 -17.84 -18.59 20.52
C GLU A 278 -17.51 -17.31 19.75
N ASN A 279 -17.85 -16.16 20.34
CA ASN A 279 -17.20 -14.91 19.99
C ASN A 279 -17.39 -14.49 18.53
N ASP A 285 -3.64 -6.41 19.69
CA ASP A 285 -3.03 -5.76 20.85
C ASP A 285 -2.27 -6.77 21.70
N ASP A 286 -0.95 -6.78 21.53
CA ASP A 286 -0.24 -5.75 20.77
C ASP A 286 -0.06 -6.11 19.28
N VAL A 287 -0.92 -5.58 18.41
CA VAL A 287 -0.77 -5.74 16.96
C VAL A 287 0.62 -5.39 16.45
N ASP A 288 1.17 -4.27 16.92
CA ASP A 288 2.45 -3.81 16.40
C ASP A 288 3.57 -4.77 16.76
N ALA A 289 3.38 -5.51 17.86
CA ALA A 289 4.43 -6.40 18.35
C ALA A 289 4.30 -7.85 17.85
N ILE A 290 3.41 -8.10 16.89
CA ILE A 290 3.11 -9.46 16.46
C ILE A 290 4.35 -10.24 16.03
N PHE A 291 5.33 -9.53 15.46
CA PHE A 291 6.52 -10.16 14.90
C PHE A 291 7.80 -9.83 15.69
N ASP A 292 7.67 -9.19 16.85
CA ASP A 292 8.85 -8.91 17.65
C ASP A 292 9.49 -10.19 18.17
N ASP A 293 10.81 -10.14 18.37
CA ASP A 293 11.56 -11.24 18.94
C ASP A 293 10.88 -11.70 20.24
N SER A 294 10.58 -13.00 20.26
CA SER A 294 9.77 -13.59 21.31
C SER A 294 10.59 -13.89 22.57
N GLY A 295 11.88 -14.13 22.38
CA GLY A 295 12.73 -14.54 23.48
C GLY A 295 12.39 -15.95 23.90
N GLU A 296 11.71 -16.68 23.02
CA GLU A 296 11.40 -18.07 23.26
C GLU A 296 12.72 -18.82 23.37
N SER A 297 12.78 -19.71 24.36
CA SER A 297 13.94 -20.58 24.54
C SER A 297 14.25 -21.32 23.24
N LYS A 298 15.52 -21.46 22.92
CA LYS A 298 15.94 -22.29 21.81
C LYS A 298 16.61 -23.53 22.37
N ASN A 299 16.95 -24.47 21.50
CA ASN A 299 17.83 -25.56 21.90
C ASN A 299 19.25 -25.29 21.39
N LEU A 300 20.13 -24.93 22.32
CA LEU A 300 21.50 -24.51 21.98
C LEU A 300 22.42 -25.68 21.60
N VAL A 301 21.92 -26.90 21.72
CA VAL A 301 22.70 -28.06 21.30
C VAL A 301 22.86 -28.05 19.77
N VAL A 302 21.78 -27.70 19.08
CA VAL A 302 21.71 -27.81 17.63
C VAL A 302 21.55 -26.43 16.96
N ILE B 3 -34.38 11.75 5.03
CA ILE B 3 -35.02 10.85 5.98
C ILE B 3 -34.12 10.58 7.20
N HIS B 4 -33.51 9.40 7.24
CA HIS B 4 -32.62 9.02 8.33
C HIS B 4 -31.16 9.36 8.00
N SER B 5 -30.85 9.50 6.71
CA SER B 5 -29.49 9.87 6.31
C SER B 5 -29.40 10.91 5.18
N GLY B 6 -30.28 11.89 5.24
CA GLY B 6 -30.23 13.09 4.42
C GLY B 6 -31.19 14.11 5.02
N ARG B 7 -31.00 15.41 4.77
CA ARG B 7 -29.87 15.97 4.05
C ARG B 7 -29.32 17.13 4.90
N THR B 8 -30.15 17.59 5.84
CA THR B 8 -29.69 18.47 6.92
C THR B 8 -29.59 17.62 8.18
N ARG B 9 -30.18 16.43 8.12
CA ARG B 9 -30.19 15.51 9.24
C ARG B 9 -29.61 14.16 8.86
N VAL B 10 -28.63 13.70 9.63
CA VAL B 10 -28.01 12.40 9.36
C VAL B 10 -27.91 11.56 10.64
N GLY B 11 -28.74 10.52 10.73
CA GLY B 11 -28.89 9.81 11.99
C GLY B 11 -29.38 10.80 13.02
N LYS B 12 -28.72 10.85 14.17
CA LYS B 12 -29.10 11.79 15.20
C LYS B 12 -28.39 13.16 15.12
N TYR B 13 -27.68 13.43 14.03
CA TYR B 13 -26.92 14.68 13.90
C TYR B 13 -27.57 15.66 12.93
N GLU B 14 -27.84 16.87 13.41
CA GLU B 14 -28.31 17.93 12.53
C GLU B 14 -27.12 18.69 11.99
N LEU B 15 -26.96 18.72 10.68
CA LEU B 15 -25.85 19.40 10.03
C LEU B 15 -26.01 20.91 10.10
N GLY B 16 -24.91 21.59 10.38
CA GLY B 16 -24.91 23.04 10.45
C GLY B 16 -24.11 23.60 9.30
N ARG B 17 -23.38 24.68 9.56
CA ARG B 17 -22.70 25.35 8.49
C ARG B 17 -21.38 24.68 8.12
N THR B 18 -20.89 25.02 6.94
CA THR B 18 -19.69 24.44 6.39
C THR B 18 -18.46 25.20 6.90
N LEU B 19 -17.56 24.46 7.54
CA LEU B 19 -16.31 25.06 7.98
CA LEU B 19 -16.29 25.04 7.99
C LEU B 19 -15.32 25.17 6.82
N GLY B 20 -15.27 24.14 5.98
CA GLY B 20 -14.41 24.17 4.82
C GLY B 20 -14.96 23.23 3.77
N GLU B 21 -14.65 23.50 2.51
CA GLU B 21 -15.16 22.66 1.44
C GLU B 21 -14.10 22.42 0.37
N GLY B 22 -13.69 21.16 0.23
CA GLY B 22 -12.77 20.80 -0.82
C GLY B 22 -13.55 20.12 -1.94
N THR B 23 -12.84 19.64 -2.96
CA THR B 23 -13.49 19.06 -4.12
C THR B 23 -14.27 17.78 -3.81
N PHE B 24 -13.68 16.91 -2.99
CA PHE B 24 -14.27 15.60 -2.73
C PHE B 24 -14.56 15.38 -1.26
N ALA B 25 -14.32 16.41 -0.45
CA ALA B 25 -14.54 16.30 0.99
C ALA B 25 -14.81 17.69 1.57
N LYS B 26 -15.57 17.74 2.67
CA LYS B 26 -15.89 19.00 3.33
C LYS B 26 -16.06 18.75 4.84
N VAL B 27 -16.04 19.82 5.62
CA VAL B 27 -16.23 19.69 7.06
C VAL B 27 -17.36 20.60 7.50
N LYS B 28 -18.30 20.06 8.27
CA LYS B 28 -19.44 20.83 8.74
C LYS B 28 -19.53 20.74 10.26
N PHE B 29 -20.15 21.76 10.87
CA PHE B 29 -20.61 21.69 12.26
C PHE B 29 -21.82 20.78 12.29
N ALA B 30 -22.05 20.12 13.43
CA ALA B 30 -23.30 19.41 13.60
C ALA B 30 -23.62 19.39 15.07
N ARG B 31 -24.86 19.04 15.38
CA ARG B 31 -25.26 18.85 16.76
C ARG B 31 -26.06 17.56 16.89
N ASN B 32 -25.82 16.84 17.98
CA ASN B 32 -26.52 15.61 18.32
C ASN B 32 -27.87 16.01 18.91
N VAL B 33 -28.97 15.58 18.29
CA VAL B 33 -30.29 16.02 18.73
C VAL B 33 -30.72 15.36 20.02
N GLU B 34 -30.10 14.24 20.37
CA GLU B 34 -30.44 13.54 21.59
C GLU B 34 -29.90 14.24 22.83
N ASN B 35 -28.64 14.69 22.77
CA ASN B 35 -27.99 15.24 23.95
C ASN B 35 -27.47 16.66 23.81
N GLY B 36 -27.55 17.20 22.60
CA GLY B 36 -27.10 18.57 22.34
C GLY B 36 -25.61 18.72 22.12
N ASP B 37 -24.89 17.61 22.01
CA ASP B 37 -23.45 17.63 21.80
C ASP B 37 -23.12 18.38 20.50
N ASN B 38 -22.07 19.20 20.52
CA ASN B 38 -21.61 19.92 19.33
C ASN B 38 -20.38 19.23 18.76
N VAL B 39 -20.44 18.80 17.51
CA VAL B 39 -19.37 17.97 16.96
C VAL B 39 -19.04 18.44 15.54
N ALA B 40 -18.00 17.84 14.96
CA ALA B 40 -17.67 18.15 13.58
C ALA B 40 -17.97 16.90 12.77
N ILE B 41 -18.35 17.08 11.50
CA ILE B 41 -18.59 15.94 10.64
C ILE B 41 -17.93 16.18 9.30
N LYS B 42 -17.01 15.27 8.94
CA LYS B 42 -16.39 15.30 7.64
C LYS B 42 -17.29 14.54 6.67
N VAL B 43 -17.61 15.18 5.55
CA VAL B 43 -18.46 14.56 4.54
C VAL B 43 -17.62 14.29 3.29
N ILE B 44 -17.50 13.01 2.93
CA ILE B 44 -16.50 12.59 1.95
C ILE B 44 -17.16 11.79 0.85
N ASP B 45 -16.71 12.00 -0.39
CA ASP B 45 -17.18 11.23 -1.55
C ASP B 45 -16.90 9.75 -1.36
N LYS B 46 -17.96 8.95 -1.33
CA LYS B 46 -17.86 7.55 -0.98
C LYS B 46 -17.09 6.72 -1.99
N GLU B 47 -17.28 7.02 -3.27
CA GLU B 47 -16.65 6.18 -4.28
C GLU B 47 -15.14 6.37 -4.33
N LYS B 48 -14.66 7.58 -4.00
CA LYS B 48 -13.21 7.85 -3.93
C LYS B 48 -12.53 6.96 -2.88
N VAL B 49 -13.26 6.67 -1.81
CA VAL B 49 -12.76 5.81 -0.75
C VAL B 49 -12.86 4.33 -1.10
N LEU B 50 -14.02 3.89 -1.57
CA LEU B 50 -14.26 2.47 -1.84
C LEU B 50 -13.48 1.96 -3.04
N LYS B 51 -13.34 2.79 -4.08
CA LYS B 51 -12.63 2.37 -5.29
C LYS B 51 -11.15 2.75 -5.22
N ASN B 52 -10.46 2.20 -4.23
CA ASN B 52 -9.09 2.52 -3.94
C ASN B 52 -8.41 1.25 -3.44
N LYS B 53 -7.15 1.03 -3.81
CA LYS B 53 -6.43 -0.19 -3.45
CA LYS B 53 -6.48 -0.22 -3.45
C LYS B 53 -6.20 -0.36 -1.95
N MET B 54 -6.33 0.74 -1.21
CA MET B 54 -6.09 0.69 0.24
C MET B 54 -7.35 0.50 1.08
N ILE B 55 -8.47 0.24 0.41
CA ILE B 55 -9.76 0.19 1.09
C ILE B 55 -9.80 -0.79 2.28
N ALA B 56 -9.13 -1.94 2.15
CA ALA B 56 -9.09 -2.90 3.26
C ALA B 56 -8.42 -2.30 4.49
N GLN B 57 -7.28 -1.64 4.30
CA GLN B 57 -6.58 -1.02 5.42
C GLN B 57 -7.39 0.12 6.00
N ILE B 58 -8.05 0.86 5.10
CA ILE B 58 -8.91 1.98 5.50
C ILE B 58 -10.07 1.49 6.39
N LYS B 59 -10.78 0.45 5.95
CA LYS B 59 -11.87 -0.07 6.77
C LYS B 59 -11.43 -0.51 8.16
N ARG B 60 -10.28 -1.17 8.25
CA ARG B 60 -9.79 -1.68 9.53
C ARG B 60 -9.39 -0.55 10.44
N GLU B 61 -8.67 0.43 9.89
CA GLU B 61 -8.19 1.50 10.76
C GLU B 61 -9.34 2.38 11.24
N ILE B 62 -10.27 2.71 10.35
CA ILE B 62 -11.42 3.51 10.74
C ILE B 62 -12.28 2.75 11.78
N SER B 63 -12.51 1.46 11.55
CA SER B 63 -13.29 0.65 12.51
C SER B 63 -12.61 0.64 13.88
N THR B 64 -11.29 0.54 13.89
CA THR B 64 -10.53 0.57 15.14
C THR B 64 -10.63 1.91 15.87
N MET B 65 -10.53 3.00 15.12
CA MET B 65 -10.56 4.36 15.71
C MET B 65 -11.95 4.66 16.27
N LYS B 66 -12.96 4.08 15.64
CA LYS B 66 -14.33 4.15 16.13
C LYS B 66 -14.44 3.71 17.58
N LEU B 67 -13.63 2.74 17.98
CA LEU B 67 -13.77 2.13 19.29
C LEU B 67 -12.81 2.70 20.32
N ILE B 68 -11.80 3.42 19.86
CA ILE B 68 -10.79 3.95 20.76
C ILE B 68 -11.27 5.15 21.55
N LYS B 69 -11.15 5.07 22.88
CA LYS B 69 -11.49 6.18 23.75
C LYS B 69 -10.29 6.51 24.62
N HIS B 70 -9.32 7.23 24.06
CA HIS B 70 -8.11 7.60 24.77
C HIS B 70 -8.18 9.10 25.00
N PRO B 71 -7.82 9.56 26.21
CA PRO B 71 -7.94 10.98 26.57
C PRO B 71 -7.04 11.90 25.75
N ASN B 72 -6.01 11.36 25.11
CA ASN B 72 -5.15 12.19 24.27
C ASN B 72 -5.32 11.94 22.76
N VAL B 73 -6.40 11.28 22.37
CA VAL B 73 -6.73 11.06 20.95
C VAL B 73 -8.10 11.69 20.62
N ILE B 74 -8.19 12.51 19.58
CA ILE B 74 -9.48 13.07 19.18
C ILE B 74 -10.48 11.94 18.91
N ARG B 75 -11.65 11.98 19.57
CA ARG B 75 -12.65 10.93 19.40
C ARG B 75 -13.36 10.92 18.03
N MET B 76 -13.48 9.74 17.44
CA MET B 76 -14.36 9.55 16.29
C MET B 76 -15.57 8.78 16.81
N PHE B 77 -16.69 9.48 17.01
CA PHE B 77 -17.85 8.89 17.67
C PHE B 77 -18.58 7.89 16.81
N GLU B 78 -18.64 8.17 15.51
CA GLU B 78 -19.61 7.51 14.68
C GLU B 78 -19.16 7.58 13.23
N VAL B 79 -19.51 6.58 12.45
CA VAL B 79 -19.31 6.63 11.01
C VAL B 79 -20.62 6.21 10.37
N MET B 80 -21.16 7.05 9.50
CA MET B 80 -22.38 6.71 8.77
C MET B 80 -22.14 6.90 7.29
N ALA B 81 -23.07 6.44 6.45
CA ALA B 81 -22.95 6.65 5.01
C ALA B 81 -24.33 6.70 4.33
N SER B 82 -24.38 7.35 3.17
CA SER B 82 -25.53 7.27 2.28
C SER B 82 -25.07 6.41 1.11
N LYS B 83 -25.78 6.48 0.00
CA LYS B 83 -25.32 5.81 -1.21
C LYS B 83 -24.06 6.46 -1.77
N THR B 84 -23.91 7.76 -1.55
CA THR B 84 -22.85 8.51 -2.21
C THR B 84 -21.82 9.18 -1.28
N LYS B 85 -22.10 9.25 0.02
CA LYS B 85 -21.18 9.94 0.94
C LYS B 85 -20.88 9.10 2.15
N ILE B 86 -19.72 9.34 2.78
CA ILE B 86 -19.42 8.76 4.08
C ILE B 86 -19.30 9.92 5.05
N TYR B 87 -19.85 9.76 6.26
CA TYR B 87 -19.84 10.81 7.26
C TYR B 87 -19.00 10.36 8.44
N PHE B 88 -17.98 11.15 8.81
CA PHE B 88 -17.16 10.81 9.97
C PHE B 88 -17.50 11.82 11.06
N VAL B 89 -18.02 11.38 12.19
CA VAL B 89 -18.40 12.31 13.26
C VAL B 89 -17.29 12.41 14.30
N LEU B 90 -16.78 13.62 14.49
CA LEU B 90 -15.56 13.79 15.29
C LEU B 90 -15.70 14.82 16.41
N GLU B 91 -14.88 14.65 17.44
CA GLU B 91 -14.87 15.54 18.59
C GLU B 91 -14.23 16.90 18.23
N PHE B 92 -14.91 17.98 18.59
CA PHE B 92 -14.34 19.33 18.54
C PHE B 92 -13.55 19.60 19.80
N VAL B 93 -12.43 20.33 19.68
CA VAL B 93 -11.73 20.80 20.89
C VAL B 93 -11.50 22.32 20.88
N THR B 94 -11.39 22.91 22.07
CA THR B 94 -11.43 24.36 22.21
C THR B 94 -10.11 25.03 22.63
N GLY B 95 -8.98 24.36 22.46
CA GLY B 95 -7.72 24.87 23.00
C GLY B 95 -6.72 25.37 21.98
N GLY B 96 -7.00 25.16 20.70
CA GLY B 96 -6.10 25.58 19.64
C GLY B 96 -4.90 24.65 19.46
N GLU B 97 -4.03 24.99 18.51
CA GLU B 97 -2.83 24.21 18.20
C GLU B 97 -1.71 24.43 19.22
N LEU B 98 -1.05 23.33 19.61
CA LEU B 98 0.00 23.40 20.64
C LEU B 98 1.12 24.35 20.25
N PHE B 99 1.50 24.34 18.98
CA PHE B 99 2.67 25.13 18.53
C PHE B 99 2.43 26.65 18.52
N ASP B 100 1.19 27.07 18.77
CA ASP B 100 0.89 28.50 18.92
C ASP B 100 1.70 29.12 20.07
N LYS B 101 2.01 28.32 21.08
CA LYS B 101 2.78 28.78 22.22
C LYS B 101 4.18 29.23 21.81
N ILE B 102 4.76 28.53 20.84
CA ILE B 102 6.10 28.85 20.37
C ILE B 102 6.10 30.12 19.51
N SER B 103 5.11 30.23 18.63
CA SER B 103 4.96 31.40 17.76
C SER B 103 4.78 32.65 18.59
N SER B 104 4.05 32.52 19.70
CA SER B 104 3.70 33.65 20.53
C SER B 104 4.70 33.89 21.67
N ASN B 105 5.40 32.86 22.08
CA ASN B 105 6.20 32.97 23.30
C ASN B 105 7.58 32.30 23.29
N GLY B 106 8.01 31.76 22.15
CA GLY B 106 9.29 31.07 22.09
C GLY B 106 9.23 29.68 22.72
N ARG B 107 10.40 29.08 22.95
CA ARG B 107 10.49 27.69 23.41
C ARG B 107 9.78 27.42 24.72
N LEU B 108 9.32 26.18 24.90
CA LEU B 108 8.66 25.79 26.14
C LEU B 108 9.76 25.53 27.14
N LYS B 109 9.42 25.48 28.43
CA LYS B 109 10.35 25.01 29.44
C LYS B 109 10.48 23.52 29.24
N GLU B 110 11.63 22.96 29.58
CA GLU B 110 11.86 21.54 29.35
C GLU B 110 10.83 20.63 30.00
N ASP B 111 10.41 20.94 31.22
CA ASP B 111 9.40 20.11 31.88
C ASP B 111 8.01 20.23 31.24
N GLU B 112 7.71 21.40 30.68
CA GLU B 112 6.43 21.58 29.98
C GLU B 112 6.43 20.78 28.67
N ALA B 113 7.53 20.86 27.93
CA ALA B 113 7.64 20.08 26.69
C ALA B 113 7.55 18.58 27.00
N ARG B 114 8.17 18.14 28.09
CA ARG B 114 8.08 16.72 28.47
C ARG B 114 6.66 16.26 28.75
N LYS B 115 5.85 17.11 29.39
CA LYS B 115 4.48 16.73 29.69
C LYS B 115 3.65 16.55 28.41
N TYR B 116 3.87 17.40 27.41
CA TYR B 116 3.19 17.20 26.14
C TYR B 116 3.72 15.97 25.43
N PHE B 117 5.03 15.75 25.53
CA PHE B 117 5.66 14.60 24.88
C PHE B 117 5.16 13.29 25.47
N GLN B 118 4.91 13.27 26.78
CA GLN B 118 4.41 12.04 27.41
C GLN B 118 3.02 11.69 26.92
N GLN B 119 2.16 12.69 26.80
CA GLN B 119 0.82 12.48 26.29
C GLN B 119 0.83 12.06 24.83
N LEU B 120 1.70 12.67 24.05
CA LEU B 120 1.85 12.30 22.65
C LEU B 120 2.31 10.85 22.48
N ILE B 121 3.38 10.49 23.17
CA ILE B 121 3.98 9.16 23.05
C ILE B 121 2.98 8.11 23.49
N ASN B 122 2.25 8.40 24.56
CA ASN B 122 1.25 7.47 25.08
C ASN B 122 0.07 7.24 24.13
N ALA B 123 -0.46 8.32 23.56
CA ALA B 123 -1.53 8.24 22.55
C ALA B 123 -1.09 7.45 21.30
N VAL B 124 0.08 7.81 20.79
CA VAL B 124 0.60 7.20 19.56
C VAL B 124 0.90 5.70 19.79
N ASP B 125 1.51 5.38 20.93
CA ASP B 125 1.84 3.98 21.21
C ASP B 125 0.59 3.14 21.39
N TYR B 126 -0.42 3.72 22.02
CA TYR B 126 -1.70 3.06 22.22
C TYR B 126 -2.37 2.75 20.89
N CYS B 127 -2.32 3.69 19.97
CA CYS B 127 -2.92 3.46 18.66
C CYS B 127 -2.18 2.37 17.89
N HIS B 128 -0.84 2.42 17.95
CA HIS B 128 0.02 1.39 17.39
C HIS B 128 -0.33 -0.01 17.92
N SER B 129 -0.63 -0.10 19.22
CA SER B 129 -0.93 -1.40 19.81
CA SER B 129 -0.97 -1.37 19.86
C SER B 129 -2.24 -1.98 19.28
N ARG B 130 -3.09 -1.15 18.71
CA ARG B 130 -4.35 -1.61 18.11
C ARG B 130 -4.28 -1.63 16.58
N GLY B 131 -3.06 -1.43 16.08
CA GLY B 131 -2.74 -1.61 14.68
C GLY B 131 -2.97 -0.38 13.82
N VAL B 132 -2.98 0.80 14.42
CA VAL B 132 -3.26 2.00 13.65
C VAL B 132 -2.02 2.88 13.67
N TYR B 133 -1.55 3.29 12.50
CA TYR B 133 -0.33 4.07 12.42
C TYR B 133 -0.68 5.40 11.80
N HIS B 134 -0.07 6.48 12.27
CA HIS B 134 -0.45 7.80 11.77
C HIS B 134 0.13 8.07 10.38
N ARG B 135 1.46 7.97 10.28
CA ARG B 135 2.23 8.17 9.04
C ARG B 135 2.28 9.60 8.48
N ASP B 136 1.60 10.54 9.12
CA ASP B 136 1.66 11.93 8.63
C ASP B 136 1.58 12.87 9.83
N LEU B 137 2.31 12.52 10.87
CA LEU B 137 2.19 13.25 12.12
C LEU B 137 2.92 14.58 12.01
N LYS B 138 2.17 15.67 12.21
CA LYS B 138 2.70 17.02 12.06
C LYS B 138 2.25 17.84 13.26
N PRO B 139 2.85 19.01 13.46
CA PRO B 139 2.38 19.86 14.58
C PRO B 139 0.91 20.23 14.47
N GLU B 140 0.37 20.33 13.26
CA GLU B 140 -1.03 20.69 13.09
CA GLU B 140 -1.04 20.66 13.06
C GLU B 140 -2.00 19.63 13.64
N ASN B 141 -1.49 18.44 13.92
CA ASN B 141 -2.30 17.38 14.51
C ASN B 141 -2.29 17.44 16.03
N LEU B 142 -1.52 18.38 16.60
CA LEU B 142 -1.41 18.49 18.06
C LEU B 142 -2.32 19.60 18.58
N LEU B 143 -3.50 19.24 19.05
CA LEU B 143 -4.45 20.23 19.53
C LEU B 143 -4.54 20.19 21.04
N LEU B 144 -5.17 21.21 21.64
CA LEU B 144 -5.37 21.24 23.08
C LEU B 144 -6.87 21.29 23.40
N ASP B 145 -7.30 20.60 24.45
CA ASP B 145 -8.70 20.75 24.86
C ASP B 145 -8.90 21.89 25.87
N ALA B 146 -10.08 21.92 26.48
CA ALA B 146 -10.44 22.95 27.45
C ALA B 146 -9.38 23.07 28.55
N ASN B 147 -9.06 21.94 29.16
CA ASN B 147 -8.13 21.83 30.28
C ASN B 147 -6.67 21.86 29.86
N GLY B 148 -6.43 22.10 28.58
CA GLY B 148 -5.08 22.15 28.05
C GLY B 148 -4.42 20.79 27.88
N ALA B 149 -5.23 19.73 27.84
CA ALA B 149 -4.71 18.40 27.56
C ALA B 149 -4.44 18.24 26.06
N LEU B 150 -3.42 17.46 25.72
CA LEU B 150 -3.09 17.17 24.33
C LEU B 150 -4.14 16.25 23.69
N LYS B 151 -4.58 16.61 22.48
CA LYS B 151 -5.51 15.80 21.71
C LYS B 151 -4.91 15.63 20.30
N VAL B 152 -4.59 14.39 19.91
CA VAL B 152 -3.93 14.16 18.63
C VAL B 152 -4.97 13.80 17.58
N SER B 153 -4.93 14.50 16.44
CA SER B 153 -5.93 14.33 15.39
C SER B 153 -5.44 13.49 14.22
N ASP B 154 -6.38 12.99 13.43
CA ASP B 154 -6.13 12.32 12.15
C ASP B 154 -5.64 10.87 12.19
N PHE B 155 -5.66 10.21 13.35
CA PHE B 155 -5.46 8.77 13.34
C PHE B 155 -6.59 8.11 12.56
N GLY B 156 -6.26 7.12 11.75
CA GLY B 156 -7.30 6.50 10.95
C GLY B 156 -7.60 7.32 9.69
N LEU B 157 -8.04 8.56 9.88
CA LEU B 157 -8.32 9.45 8.74
C LEU B 157 -7.12 9.70 7.84
N SER B 158 -5.92 9.66 8.41
CA SER B 158 -4.72 9.88 7.62
C SER B 158 -4.50 8.74 6.62
N ALA B 159 -5.27 7.66 6.74
CA ALA B 159 -5.18 6.53 5.82
C ALA B 159 -5.98 6.75 4.51
N LEU B 160 -6.89 7.70 4.52
CA LEU B 160 -7.72 7.99 3.34
C LEU B 160 -6.84 8.49 2.17
N PRO B 161 -7.31 8.32 0.93
CA PRO B 161 -6.59 8.81 -0.26
C PRO B 161 -6.41 10.33 -0.22
N GLN B 162 -5.29 10.87 -0.70
CA GLN B 162 -5.03 12.32 -0.66
C GLN B 162 -6.21 13.17 -1.14
N GLN B 163 -6.87 12.72 -2.21
CA GLN B 163 -8.01 13.47 -2.77
C GLN B 163 -9.16 13.74 -1.80
N VAL B 164 -9.34 12.90 -0.78
CA VAL B 164 -10.39 13.19 0.21
C VAL B 164 -9.86 13.79 1.51
N ARG B 165 -8.53 13.93 1.59
CA ARG B 165 -7.89 14.62 2.71
CA ARG B 165 -7.90 14.62 2.72
C ARG B 165 -7.85 16.12 2.48
N GLU B 166 -8.08 16.52 1.24
CA GLU B 166 -8.19 17.92 0.90
C GLU B 166 -9.64 18.30 1.16
N ASP B 167 -9.90 18.68 2.41
CA ASP B 167 -11.25 18.85 2.92
C ASP B 167 -11.68 20.30 3.07
N GLY B 168 -10.92 21.22 2.47
CA GLY B 168 -11.28 22.63 2.56
C GLY B 168 -10.69 23.37 3.75
N LEU B 169 -9.93 22.68 4.60
CA LEU B 169 -9.28 23.35 5.73
C LEU B 169 -7.81 23.64 5.44
N LEU B 170 -7.24 24.56 6.23
CA LEU B 170 -5.85 24.97 6.03
C LEU B 170 -4.88 24.04 6.75
N HIS B 171 -4.02 23.38 5.98
CA HIS B 171 -3.06 22.40 6.52
C HIS B 171 -1.66 22.85 6.19
N ASP B 172 -1.10 23.70 7.05
CA ASP B 172 0.13 24.40 6.72
C ASP B 172 1.18 24.06 7.77
N THR B 173 2.28 23.44 7.36
CA THR B 173 3.32 23.06 8.31
C THR B 173 4.61 23.83 8.02
N CYS B 174 5.21 24.36 9.07
CA CYS B 174 6.50 25.02 8.93
CA CYS B 174 6.50 25.03 8.93
C CYS B 174 7.61 23.97 8.92
N GLY B 175 8.40 23.95 7.85
CA GLY B 175 9.55 23.07 7.76
C GLY B 175 9.17 21.61 7.63
N THR B 176 8.09 21.39 6.89
CA THR B 176 7.50 20.08 6.63
C THR B 176 8.44 18.87 6.55
N PRO B 177 9.53 18.94 5.74
CA PRO B 177 10.38 17.75 5.60
C PRO B 177 11.02 17.27 6.91
N ASN B 178 11.21 18.15 7.89
CA ASN B 178 11.75 17.74 9.18
C ASN B 178 11.01 16.57 9.81
N TYR B 179 9.71 16.55 9.64
CA TYR B 179 8.84 15.62 10.37
C TYR B 179 8.71 14.28 9.68
N VAL B 180 9.29 14.16 8.49
CA VAL B 180 9.21 12.94 7.72
C VAL B 180 10.51 12.15 7.86
N ALA B 181 10.44 10.92 8.37
CA ALA B 181 11.63 10.11 8.58
C ALA B 181 12.37 9.92 7.25
N PRO B 182 13.71 9.92 7.30
CA PRO B 182 14.53 9.75 6.10
C PRO B 182 14.14 8.52 5.27
N GLU B 183 13.85 7.41 5.93
CA GLU B 183 13.43 6.19 5.22
C GLU B 183 12.11 6.41 4.46
N VAL B 184 11.25 7.27 5.00
CA VAL B 184 9.98 7.58 4.35
C VAL B 184 10.20 8.49 3.14
N ILE B 185 11.03 9.51 3.33
CA ILE B 185 11.41 10.38 2.22
C ILE B 185 11.96 9.54 1.07
N ASN B 186 12.75 8.52 1.40
CA ASN B 186 13.32 7.59 0.42
C ASN B 186 12.32 6.60 -0.18
N ASN B 187 11.06 6.74 0.21
CA ASN B 187 10.01 5.77 -0.13
C ASN B 187 10.28 4.33 0.30
N LYS B 188 10.94 4.18 1.45
CA LYS B 188 11.15 2.88 2.09
C LYS B 188 10.63 2.91 3.53
N GLY B 189 9.50 3.57 3.75
CA GLY B 189 9.00 3.74 5.10
C GLY B 189 8.09 2.61 5.54
N TYR B 190 8.64 1.41 5.62
CA TYR B 190 7.81 0.23 5.88
C TYR B 190 7.27 0.23 7.32
N ASP B 191 8.16 0.46 8.29
CA ASP B 191 7.80 0.37 9.70
C ASP B 191 7.12 1.67 10.15
N GLY B 192 5.80 1.63 10.23
CA GLY B 192 5.03 2.80 10.61
C GLY B 192 5.30 3.32 12.01
N ALA B 193 5.67 2.45 12.93
CA ALA B 193 5.87 2.88 14.30
C ALA B 193 7.15 3.70 14.42
N LYS B 194 8.18 3.30 13.68
CA LYS B 194 9.48 3.97 13.73
C LYS B 194 9.35 5.28 12.96
N ALA B 195 8.53 5.30 11.92
CA ALA B 195 8.26 6.54 11.20
C ALA B 195 7.53 7.56 12.10
N ASP B 196 6.49 7.11 12.80
CA ASP B 196 5.79 7.99 13.77
C ASP B 196 6.72 8.48 14.89
N LEU B 197 7.65 7.62 15.32
CA LEU B 197 8.54 7.97 16.41
C LEU B 197 9.47 9.09 16.01
N TRP B 198 10.07 8.98 14.81
CA TRP B 198 10.84 10.11 14.26
C TRP B 198 10.07 11.43 14.35
N SER B 199 8.83 11.44 13.87
CA SER B 199 7.98 12.63 13.93
C SER B 199 7.84 13.16 15.36
N CYS B 200 7.56 12.26 16.30
CA CYS B 200 7.46 12.63 17.71
C CYS B 200 8.75 13.28 18.25
N GLY B 201 9.88 12.75 17.81
CA GLY B 201 11.16 13.27 18.28
C GLY B 201 11.42 14.66 17.76
N VAL B 202 11.04 14.92 16.51
CA VAL B 202 11.23 16.26 15.92
C VAL B 202 10.29 17.24 16.62
N ILE B 203 9.05 16.82 16.84
CA ILE B 203 8.12 17.60 17.67
C ILE B 203 8.71 17.99 19.03
N LEU B 204 9.35 17.04 19.71
CA LEU B 204 9.94 17.33 21.02
C LEU B 204 11.08 18.32 20.90
N PHE B 205 11.91 18.14 19.88
CA PHE B 205 13.03 19.06 19.66
C PHE B 205 12.53 20.48 19.51
N VAL B 206 11.49 20.65 18.69
CA VAL B 206 10.95 21.97 18.41
C VAL B 206 10.35 22.63 19.64
N LEU B 207 9.58 21.86 20.42
CA LEU B 207 9.01 22.35 21.67
C LEU B 207 10.12 22.85 22.61
N MET B 208 11.19 22.06 22.74
CA MET B 208 12.30 22.42 23.64
C MET B 208 13.28 23.46 23.10
N ALA B 209 13.42 23.56 21.77
CA ALA B 209 14.34 24.52 21.17
C ALA B 209 13.68 25.80 20.66
N GLY B 210 12.44 25.69 20.20
CA GLY B 210 11.77 26.79 19.54
C GLY B 210 12.07 26.89 18.06
N TYR B 211 12.85 25.94 17.54
CA TYR B 211 13.16 25.92 16.11
C TYR B 211 13.38 24.48 15.65
N LEU B 212 13.53 24.28 14.34
CA LEU B 212 13.63 22.94 13.75
C LEU B 212 15.06 22.43 13.73
N PRO B 213 15.24 21.11 13.80
CA PRO B 213 16.61 20.60 13.87
C PRO B 213 17.37 20.69 12.54
N PHE B 214 16.63 20.64 11.44
CA PHE B 214 17.21 20.66 10.08
C PHE B 214 16.71 21.92 9.36
N GLU B 215 17.60 22.90 9.22
CA GLU B 215 17.24 24.15 8.59
C GLU B 215 18.39 24.50 7.65
N ASP B 216 18.04 24.87 6.43
CA ASP B 216 19.04 25.28 5.43
C ASP B 216 18.28 25.91 4.27
N SER B 217 18.73 27.08 3.84
CA SER B 217 18.16 27.73 2.66
C SER B 217 18.35 26.82 1.42
N ASN B 218 19.50 26.15 1.35
CA ASN B 218 19.79 25.21 0.25
C ASN B 218 19.11 23.85 0.44
N LEU B 219 18.19 23.50 -0.46
CA LEU B 219 17.41 22.27 -0.34
C LEU B 219 18.25 21.00 -0.42
N THR B 220 19.27 21.01 -1.27
CA THR B 220 20.14 19.85 -1.38
C THR B 220 20.87 19.63 -0.07
N SER B 221 21.32 20.73 0.54
CA SER B 221 21.98 20.64 1.83
C SER B 221 20.97 20.29 2.93
N LEU B 222 19.74 20.76 2.79
CA LEU B 222 18.70 20.49 3.77
C LEU B 222 18.44 18.98 3.82
N TYR B 223 18.15 18.39 2.68
CA TYR B 223 17.86 16.96 2.63
C TYR B 223 19.09 16.12 3.01
N LYS B 224 20.28 16.60 2.66
CA LYS B 224 21.49 15.90 3.09
C LYS B 224 21.58 15.79 4.61
N LYS B 225 21.26 16.89 5.30
CA LYS B 225 21.31 16.87 6.76
C LYS B 225 20.28 15.94 7.38
N ILE B 226 19.08 15.87 6.80
CA ILE B 226 18.05 14.96 7.33
C ILE B 226 18.51 13.50 7.18
N PHE B 227 18.97 13.13 5.98
CA PHE B 227 19.40 11.76 5.67
C PHE B 227 20.55 11.31 6.57
N LYS B 228 21.35 12.27 6.99
CA LYS B 228 22.51 12.03 7.84
C LYS B 228 22.18 12.32 9.31
N ALA B 229 20.96 12.80 9.57
CA ALA B 229 20.55 13.27 10.90
C ALA B 229 21.64 14.12 11.55
N GLU B 230 22.19 15.03 10.74
CA GLU B 230 23.18 16.00 11.19
C GLU B 230 22.43 17.17 11.79
N PHE B 231 22.47 17.30 13.12
CA PHE B 231 21.86 18.43 13.82
C PHE B 231 22.52 18.63 15.16
N THR B 232 22.22 19.74 15.80
CA THR B 232 22.87 20.10 17.06
C THR B 232 21.83 20.46 18.10
N CYS B 233 21.92 19.84 19.27
CA CYS B 233 21.05 20.22 20.37
C CYS B 233 21.61 21.50 20.98
N PRO B 234 20.75 22.47 21.31
CA PRO B 234 21.23 23.72 21.89
C PRO B 234 21.69 23.51 23.35
N PRO B 235 22.51 24.44 23.87
CA PRO B 235 23.14 24.25 25.18
C PRO B 235 22.18 24.13 26.35
N TRP B 236 20.94 24.60 26.21
CA TRP B 236 20.01 24.54 27.33
C TRP B 236 19.30 23.20 27.51
N PHE B 237 19.46 22.28 26.56
CA PHE B 237 18.86 20.94 26.71
C PHE B 237 19.57 20.23 27.86
N SER B 238 18.85 19.55 28.76
CA SER B 238 19.53 18.70 29.74
C SER B 238 20.33 17.61 29.01
N ALA B 239 21.35 17.06 29.67
CA ALA B 239 22.11 15.96 29.09
C ALA B 239 21.24 14.75 28.80
N SER B 240 20.25 14.52 29.68
CA SER B 240 19.33 13.40 29.51
C SER B 240 18.39 13.57 28.31
N ALA B 241 17.88 14.78 28.12
CA ALA B 241 17.02 15.06 26.97
C ALA B 241 17.81 14.93 25.67
N LYS B 242 19.03 15.47 25.67
CA LYS B 242 19.89 15.40 24.49
C LYS B 242 20.16 13.96 24.07
N LYS B 243 20.47 13.13 25.06
CA LYS B 243 20.73 11.71 24.83
C LYS B 243 19.52 11.02 24.20
N LEU B 244 18.34 11.25 24.75
CA LEU B 244 17.13 10.60 24.25
C LEU B 244 16.83 11.05 22.82
N ILE B 245 16.88 12.35 22.59
CA ILE B 245 16.56 12.90 21.28
C ILE B 245 17.52 12.41 20.19
N LYS B 246 18.79 12.23 20.52
CA LYS B 246 19.73 11.69 19.54
C LYS B 246 19.43 10.24 19.20
N ARG B 247 18.88 9.50 20.16
CA ARG B 247 18.48 8.12 19.91
C ARG B 247 17.23 8.01 19.03
N ILE B 248 16.30 8.96 19.20
CA ILE B 248 15.12 9.00 18.34
C ILE B 248 15.44 9.50 16.94
N LEU B 249 16.24 10.56 16.82
CA LEU B 249 16.58 11.07 15.50
C LEU B 249 17.78 10.35 14.87
N ASP B 250 17.69 9.02 14.85
CA ASP B 250 18.65 8.14 14.19
C ASP B 250 18.05 7.89 12.82
N PRO B 251 18.79 8.23 11.74
CA PRO B 251 18.21 8.16 10.39
C PRO B 251 18.00 6.72 9.90
N ASN B 252 18.64 5.76 10.57
CA ASN B 252 18.47 4.34 10.28
C ASN B 252 17.36 3.77 11.15
N PRO B 253 16.23 3.39 10.54
CA PRO B 253 15.11 2.92 11.36
C PRO B 253 15.44 1.65 12.15
N ALA B 254 16.38 0.85 11.67
CA ALA B 254 16.81 -0.37 12.36
C ALA B 254 17.41 -0.11 13.74
N THR B 255 18.25 0.91 13.85
CA THR B 255 18.92 1.19 15.11
C THR B 255 18.25 2.29 15.93
N ARG B 256 17.27 2.97 15.34
CA ARG B 256 16.47 3.96 16.07
C ARG B 256 15.85 3.27 17.29
N ILE B 257 15.82 3.97 18.41
CA ILE B 257 15.23 3.48 19.65
C ILE B 257 13.74 3.13 19.42
N THR B 258 13.19 2.19 20.19
CA THR B 258 11.79 1.80 19.98
C THR B 258 10.88 2.56 20.93
N PHE B 259 9.57 2.56 20.65
CA PHE B 259 8.61 3.19 21.56
C PHE B 259 8.72 2.65 22.98
N ALA B 260 8.90 1.33 23.12
CA ALA B 260 8.97 0.70 24.43
C ALA B 260 10.16 1.21 25.22
N GLU B 261 11.27 1.41 24.52
CA GLU B 261 12.49 1.93 25.15
C GLU B 261 12.37 3.41 25.55
N VAL B 262 11.66 4.19 24.73
CA VAL B 262 11.36 5.58 25.10
C VAL B 262 10.54 5.60 26.40
N ILE B 263 9.50 4.77 26.45
CA ILE B 263 8.57 4.75 27.57
C ILE B 263 9.27 4.35 28.88
N GLU B 264 10.39 3.63 28.76
CA GLU B 264 11.19 3.18 29.91
C GLU B 264 12.36 4.11 30.20
N ASN B 265 12.56 5.10 29.34
CA ASN B 265 13.66 6.04 29.52
C ASN B 265 13.40 6.87 30.79
N GLU B 266 14.47 7.13 31.54
CA GLU B 266 14.27 7.71 32.87
C GLU B 266 13.88 9.19 32.82
N TRP B 267 14.39 9.89 31.81
CA TRP B 267 13.98 11.27 31.55
C TRP B 267 12.49 11.30 31.25
N PHE B 268 12.04 10.39 30.39
CA PHE B 268 10.63 10.32 29.99
C PHE B 268 9.69 10.08 31.18
N LYS B 269 10.10 9.20 32.09
CA LYS B 269 9.26 8.78 33.22
C LYS B 269 9.07 9.83 34.31
N LYS B 270 9.88 10.86 34.30
CA LYS B 270 9.77 11.92 35.30
C LYS B 270 8.44 12.69 35.19
N GLY B 271 7.55 12.50 36.16
CA GLY B 271 6.25 13.16 36.16
C GLY B 271 5.19 12.38 35.41
N TYR B 272 5.64 11.29 34.80
CA TYR B 272 4.80 10.46 33.94
C TYR B 272 3.80 9.67 34.76
N LYS B 273 2.51 9.93 34.54
CA LYS B 273 1.49 8.98 34.96
C LYS B 273 0.71 8.54 33.73
N ALA B 274 0.79 7.25 33.42
CA ALA B 274 -0.02 6.68 32.34
C ALA B 274 -1.48 6.95 32.70
N PRO B 275 -2.27 7.39 31.71
CA PRO B 275 -3.65 7.76 32.07
C PRO B 275 -4.46 6.51 32.28
N LYS B 276 -5.59 6.64 32.96
CA LYS B 276 -6.46 5.50 33.21
C LYS B 276 -7.86 5.84 32.74
N PHE B 277 -8.35 5.08 31.78
CA PHE B 277 -9.59 5.42 31.10
C PHE B 277 -10.48 4.20 30.89
N GLU B 278 -9.96 3.24 30.12
CA GLU B 278 -10.72 2.11 29.60
C GLU B 278 -12.17 2.42 29.26
N ASP B 285 -18.77 -3.54 14.39
CA ASP B 285 -18.40 -4.94 14.60
C ASP B 285 -18.14 -5.67 13.28
N ASP B 286 -18.98 -5.40 12.28
CA ASP B 286 -18.71 -5.88 10.94
C ASP B 286 -17.79 -4.85 10.27
N VAL B 287 -16.48 -5.12 10.27
CA VAL B 287 -15.49 -4.25 9.60
C VAL B 287 -15.85 -4.00 8.14
N ASP B 288 -16.28 -5.06 7.44
CA ASP B 288 -16.56 -4.96 6.01
C ASP B 288 -17.73 -4.02 5.73
N ALA B 289 -18.66 -3.95 6.69
CA ALA B 289 -19.89 -3.20 6.49
C ALA B 289 -19.78 -1.74 6.98
N ILE B 290 -18.58 -1.30 7.33
CA ILE B 290 -18.40 0.00 7.98
C ILE B 290 -18.91 1.21 7.18
N PHE B 291 -18.83 1.16 5.85
CA PHE B 291 -19.27 2.26 5.00
C PHE B 291 -20.57 1.91 4.27
N ASP B 292 -21.33 0.95 4.78
CA ASP B 292 -22.60 0.58 4.17
C ASP B 292 -23.61 1.72 4.38
N ASP B 293 -24.45 1.94 3.38
CA ASP B 293 -25.58 2.87 3.48
C ASP B 293 -26.27 2.72 4.84
N SER B 294 -26.38 3.81 5.59
CA SER B 294 -26.97 3.79 6.93
C SER B 294 -28.49 3.99 6.86
N GLY B 295 -28.97 4.47 5.72
CA GLY B 295 -30.38 4.80 5.56
C GLY B 295 -31.30 3.61 5.69
N ARG C 9 -24.16 -52.21 -21.68
CA ARG C 9 -22.84 -52.64 -22.12
C ARG C 9 -22.41 -51.93 -23.40
N VAL C 10 -21.09 -51.92 -23.62
CA VAL C 10 -20.47 -51.31 -24.79
C VAL C 10 -19.22 -52.12 -25.15
N GLY C 11 -19.19 -52.68 -26.35
CA GLY C 11 -18.08 -53.53 -26.76
C GLY C 11 -17.79 -54.67 -25.80
N LYS C 12 -16.51 -54.97 -25.62
CA LYS C 12 -16.04 -55.96 -24.66
C LYS C 12 -15.80 -55.28 -23.31
N TYR C 13 -16.52 -54.18 -23.09
CA TYR C 13 -16.31 -53.31 -21.94
C TYR C 13 -17.59 -53.22 -21.11
N GLU C 14 -17.46 -53.41 -19.81
CA GLU C 14 -18.59 -53.24 -18.93
C GLU C 14 -18.51 -51.89 -18.24
N LEU C 15 -19.61 -51.15 -18.22
CA LEU C 15 -19.59 -49.76 -17.75
C LEU C 15 -19.65 -49.63 -16.23
N GLY C 16 -18.95 -48.63 -15.73
CA GLY C 16 -19.00 -48.27 -14.34
C GLY C 16 -19.59 -46.88 -14.27
N ARG C 17 -19.15 -46.09 -13.30
CA ARG C 17 -19.77 -44.81 -13.04
C ARG C 17 -19.39 -43.75 -14.08
N THR C 18 -20.22 -42.72 -14.21
CA THR C 18 -19.90 -41.56 -15.01
C THR C 18 -18.89 -40.69 -14.26
N LEU C 19 -17.76 -40.42 -14.90
CA LEU C 19 -16.70 -39.60 -14.30
C LEU C 19 -16.95 -38.12 -14.57
N GLY C 20 -17.43 -37.80 -15.76
CA GLY C 20 -17.79 -36.44 -16.09
C GLY C 20 -18.79 -36.41 -17.21
N GLU C 21 -19.61 -35.38 -17.25
CA GLU C 21 -20.50 -35.21 -18.38
C GLU C 21 -20.53 -33.75 -18.81
N GLY C 22 -19.82 -33.45 -19.90
CA GLY C 22 -19.86 -32.12 -20.48
C GLY C 22 -20.94 -32.04 -21.54
N THR C 23 -21.11 -30.87 -22.14
CA THR C 23 -22.16 -30.65 -23.13
C THR C 23 -22.01 -31.55 -24.35
N PHE C 24 -20.81 -31.62 -24.92
CA PHE C 24 -20.60 -32.38 -26.15
C PHE C 24 -19.69 -33.60 -25.97
N ALA C 25 -19.32 -33.89 -24.73
CA ALA C 25 -18.47 -35.05 -24.49
C ALA C 25 -18.70 -35.56 -23.07
N LYS C 26 -18.45 -36.83 -22.85
CA LYS C 26 -18.63 -37.41 -21.53
C LYS C 26 -17.67 -38.55 -21.35
N VAL C 27 -17.43 -38.95 -20.10
CA VAL C 27 -16.39 -39.92 -19.82
C VAL C 27 -16.91 -40.94 -18.80
N LYS C 28 -16.84 -42.21 -19.16
CA LYS C 28 -17.29 -43.26 -18.24
C LYS C 28 -16.15 -44.18 -17.86
N PHE C 29 -16.18 -44.66 -16.61
CA PHE C 29 -15.24 -45.69 -16.21
C PHE C 29 -15.76 -47.00 -16.77
N ALA C 30 -14.85 -47.91 -17.11
CA ALA C 30 -15.23 -49.24 -17.58
C ALA C 30 -14.12 -50.24 -17.32
N ARG C 31 -14.42 -51.52 -17.44
CA ARG C 31 -13.38 -52.55 -17.48
C ARG C 31 -13.61 -53.46 -18.67
N ASN C 32 -12.51 -53.98 -19.22
CA ASN C 32 -12.53 -54.92 -20.34
C ASN C 32 -12.94 -56.29 -19.76
N VAL C 33 -14.05 -56.85 -20.24
CA VAL C 33 -14.54 -58.10 -19.66
C VAL C 33 -13.61 -59.28 -19.94
N GLU C 34 -12.79 -59.16 -20.98
CA GLU C 34 -11.92 -60.26 -21.42
C GLU C 34 -10.61 -60.33 -20.66
N ASN C 35 -10.20 -59.23 -20.04
CA ASN C 35 -8.94 -59.22 -19.30
C ASN C 35 -9.00 -58.41 -18.00
N GLY C 36 -10.11 -57.72 -17.78
CA GLY C 36 -10.32 -56.99 -16.53
C GLY C 36 -9.55 -55.68 -16.40
N ASP C 37 -8.91 -55.25 -17.48
CA ASP C 37 -8.16 -54.00 -17.48
C ASP C 37 -9.08 -52.82 -17.16
N ASN C 38 -8.55 -51.86 -16.41
CA ASN C 38 -9.30 -50.63 -16.14
C ASN C 38 -9.18 -49.71 -17.34
N VAL C 39 -10.30 -49.14 -17.77
CA VAL C 39 -10.24 -48.15 -18.85
C VAL C 39 -11.20 -47.01 -18.57
N ALA C 40 -11.09 -45.95 -19.38
CA ALA C 40 -12.11 -44.94 -19.44
C ALA C 40 -12.63 -44.89 -20.88
N ILE C 41 -13.91 -44.59 -21.02
CA ILE C 41 -14.49 -44.44 -22.34
C ILE C 41 -14.99 -43.02 -22.51
N LYS C 42 -14.40 -42.30 -23.47
CA LYS C 42 -14.84 -40.97 -23.79
C LYS C 42 -15.79 -41.06 -24.96
N VAL C 43 -16.97 -40.46 -24.83
CA VAL C 43 -17.95 -40.41 -25.91
C VAL C 43 -18.17 -38.97 -26.32
N ILE C 44 -17.90 -38.65 -27.59
CA ILE C 44 -17.91 -37.26 -28.02
C ILE C 44 -18.81 -37.06 -29.23
N ASP C 45 -19.39 -35.86 -29.35
CA ASP C 45 -20.20 -35.47 -30.50
C ASP C 45 -19.38 -35.58 -31.79
N LYS C 46 -19.89 -36.38 -32.72
CA LYS C 46 -19.15 -36.74 -33.91
C LYS C 46 -19.06 -35.59 -34.92
N GLU C 47 -20.14 -34.83 -35.07
CA GLU C 47 -20.17 -33.77 -36.06
C GLU C 47 -19.27 -32.60 -35.69
N LYS C 48 -19.11 -32.37 -34.39
CA LYS C 48 -18.22 -31.33 -33.88
C LYS C 48 -16.79 -31.52 -34.36
N VAL C 49 -16.36 -32.77 -34.43
CA VAL C 49 -14.99 -33.04 -34.88
C VAL C 49 -14.87 -33.17 -36.41
N LEU C 50 -15.91 -33.72 -37.04
CA LEU C 50 -15.95 -33.83 -38.50
C LEU C 50 -15.94 -32.46 -39.19
N LYS C 51 -16.72 -31.53 -38.65
CA LYS C 51 -16.81 -30.19 -39.22
C LYS C 51 -15.52 -29.39 -39.06
N ASN C 52 -14.71 -29.77 -38.08
CA ASN C 52 -13.54 -28.97 -37.72
C ASN C 52 -12.51 -28.81 -38.84
N LYS C 53 -11.93 -27.60 -38.91
CA LYS C 53 -10.99 -27.23 -39.95
C LYS C 53 -9.82 -28.19 -40.07
N MET C 54 -9.37 -28.71 -38.93
CA MET C 54 -8.16 -29.51 -38.88
C MET C 54 -8.45 -31.01 -38.81
N ILE C 55 -9.59 -31.42 -39.38
CA ILE C 55 -10.01 -32.82 -39.34
C ILE C 55 -9.00 -33.81 -39.94
N ALA C 56 -8.35 -33.47 -41.04
CA ALA C 56 -7.38 -34.38 -41.64
C ALA C 56 -6.19 -34.63 -40.71
N GLN C 57 -5.76 -33.58 -39.99
CA GLN C 57 -4.70 -33.74 -39.00
C GLN C 57 -5.18 -34.54 -37.79
N ILE C 58 -6.41 -34.24 -37.35
CA ILE C 58 -7.03 -35.00 -36.26
C ILE C 58 -7.07 -36.48 -36.59
N LYS C 59 -7.61 -36.80 -37.77
CA LYS C 59 -7.69 -38.19 -38.20
C LYS C 59 -6.31 -38.84 -38.24
N ARG C 60 -5.32 -38.08 -38.71
CA ARG C 60 -3.98 -38.64 -38.84
C ARG C 60 -3.34 -38.89 -37.48
N GLU C 61 -3.51 -37.96 -36.56
CA GLU C 61 -2.84 -38.07 -35.27
C GLU C 61 -3.51 -39.12 -34.39
N ILE C 62 -4.82 -39.16 -34.42
CA ILE C 62 -5.59 -40.17 -33.69
CA ILE C 62 -5.57 -40.16 -33.67
C ILE C 62 -5.31 -41.57 -34.23
N SER C 63 -5.30 -41.72 -35.56
CA SER C 63 -4.98 -43.01 -36.19
C SER C 63 -3.60 -43.48 -35.77
N THR C 64 -2.65 -42.56 -35.76
CA THR C 64 -1.30 -42.87 -35.25
C THR C 64 -1.28 -43.27 -33.77
N MET C 65 -2.00 -42.53 -32.94
CA MET C 65 -1.94 -42.82 -31.50
C MET C 65 -2.55 -44.19 -31.15
N LYS C 66 -3.52 -44.62 -31.95
CA LYS C 66 -4.06 -45.97 -31.85
C LYS C 66 -2.96 -47.03 -31.94
N LEU C 67 -2.03 -46.81 -32.86
CA LEU C 67 -0.99 -47.78 -33.18
C LEU C 67 0.17 -47.78 -32.19
N ILE C 68 0.47 -46.60 -31.65
CA ILE C 68 1.64 -46.41 -30.79
C ILE C 68 1.54 -47.20 -29.49
N LYS C 69 2.63 -47.90 -29.16
CA LYS C 69 2.78 -48.52 -27.85
C LYS C 69 4.13 -48.08 -27.35
N HIS C 70 4.12 -47.19 -26.37
CA HIS C 70 5.34 -46.76 -25.73
C HIS C 70 5.07 -47.01 -24.27
N PRO C 71 6.07 -47.49 -23.52
CA PRO C 71 5.82 -47.84 -22.12
C PRO C 71 5.46 -46.63 -21.26
N ASN C 72 5.69 -45.43 -21.78
CA ASN C 72 5.44 -44.23 -20.98
C ASN C 72 4.34 -43.33 -21.56
N VAL C 73 3.57 -43.89 -22.50
CA VAL C 73 2.41 -43.19 -23.05
C VAL C 73 1.12 -43.95 -22.72
N ILE C 74 0.09 -43.24 -22.26
CA ILE C 74 -1.23 -43.85 -22.03
C ILE C 74 -1.76 -44.51 -23.32
N ARG C 75 -2.17 -45.77 -23.23
CA ARG C 75 -2.65 -46.49 -24.41
C ARG C 75 -4.01 -45.98 -24.89
N MET C 76 -4.15 -45.77 -26.20
CA MET C 76 -5.48 -45.65 -26.76
C MET C 76 -5.88 -46.99 -27.36
N PHE C 77 -6.69 -47.74 -26.63
CA PHE C 77 -7.04 -49.10 -27.04
C PHE C 77 -7.94 -49.15 -28.28
N GLU C 78 -9.05 -48.42 -28.25
CA GLU C 78 -10.04 -48.48 -29.31
C GLU C 78 -10.50 -47.11 -29.76
N VAL C 79 -10.91 -47.02 -31.02
CA VAL C 79 -11.63 -45.87 -31.53
C VAL C 79 -12.78 -46.37 -32.39
N MET C 80 -14.01 -46.10 -31.97
CA MET C 80 -15.18 -46.52 -32.74
C MET C 80 -16.14 -45.36 -32.93
N ALA C 81 -17.13 -45.56 -33.79
CA ALA C 81 -18.08 -44.50 -34.08
C ALA C 81 -19.50 -45.00 -34.35
N SER C 82 -20.47 -44.17 -33.99
CA SER C 82 -21.87 -44.39 -34.34
C SER C 82 -22.15 -43.44 -35.50
N LYS C 83 -23.41 -43.15 -35.75
CA LYS C 83 -23.75 -42.11 -36.71
C LYS C 83 -23.54 -40.73 -36.10
N THR C 84 -23.72 -40.62 -34.79
CA THR C 84 -23.66 -39.32 -34.12
C THR C 84 -22.52 -39.19 -33.09
N LYS C 85 -21.84 -40.30 -32.79
CA LYS C 85 -20.83 -40.31 -31.73
C LYS C 85 -19.51 -40.90 -32.16
N ILE C 86 -18.43 -40.48 -31.49
CA ILE C 86 -17.17 -41.17 -31.57
C ILE C 86 -16.84 -41.69 -30.16
N TYR C 87 -16.32 -42.92 -30.09
CA TYR C 87 -15.97 -43.53 -28.83
C TYR C 87 -14.46 -43.73 -28.77
N PHE C 88 -13.82 -43.29 -27.67
CA PHE C 88 -12.41 -43.58 -27.45
C PHE C 88 -12.27 -44.44 -26.20
N VAL C 89 -11.44 -45.48 -26.27
CA VAL C 89 -11.18 -46.29 -25.11
C VAL C 89 -9.73 -46.11 -24.68
N LEU C 90 -9.55 -45.60 -23.46
CA LEU C 90 -8.23 -45.19 -23.00
C LEU C 90 -7.79 -45.91 -21.72
N GLU C 91 -6.52 -46.30 -21.69
CA GLU C 91 -5.93 -46.92 -20.50
C GLU C 91 -6.09 -46.09 -19.25
N PHE C 92 -6.67 -46.69 -18.22
CA PHE C 92 -6.85 -46.03 -16.93
C PHE C 92 -5.79 -46.53 -15.95
N VAL C 93 -4.99 -45.60 -15.41
CA VAL C 93 -3.93 -45.99 -14.47
C VAL C 93 -4.26 -45.61 -13.03
N THR C 94 -3.57 -46.22 -12.07
CA THR C 94 -3.98 -46.14 -10.66
C THR C 94 -2.97 -45.48 -9.71
N GLY C 95 -1.81 -45.09 -10.21
CA GLY C 95 -0.78 -44.49 -9.37
C GLY C 95 -0.90 -42.98 -9.14
N GLY C 96 -1.99 -42.38 -9.62
CA GLY C 96 -2.22 -40.95 -9.41
C GLY C 96 -1.40 -40.03 -10.29
N GLU C 97 -1.33 -38.74 -9.92
CA GLU C 97 -0.53 -37.75 -10.65
C GLU C 97 0.90 -37.63 -10.09
N LEU C 98 1.87 -37.47 -10.99
CA LEU C 98 3.28 -37.32 -10.61
C LEU C 98 3.54 -36.17 -9.64
N PHE C 99 2.85 -35.04 -9.83
CA PHE C 99 3.08 -33.87 -9.00
C PHE C 99 2.52 -34.00 -7.57
N ASP C 100 1.73 -35.04 -7.32
CA ASP C 100 1.29 -35.36 -5.95
C ASP C 100 2.46 -35.56 -5.01
N LYS C 101 3.59 -36.01 -5.54
CA LYS C 101 4.79 -36.20 -4.74
C LYS C 101 5.32 -34.88 -4.19
N ILE C 102 5.07 -33.79 -4.91
CA ILE C 102 5.56 -32.48 -4.48
C ILE C 102 4.62 -31.85 -3.46
N SER C 103 3.32 -32.01 -3.70
CA SER C 103 2.29 -31.53 -2.78
C SER C 103 2.45 -32.15 -1.39
N SER C 104 2.91 -33.40 -1.37
CA SER C 104 2.95 -34.15 -0.11
C SER C 104 4.35 -34.23 0.52
N ASN C 105 5.38 -34.01 -0.27
CA ASN C 105 6.74 -34.23 0.22
C ASN C 105 7.79 -33.24 -0.28
N GLY C 106 7.35 -32.21 -0.99
CA GLY C 106 8.29 -31.21 -1.47
C GLY C 106 9.06 -31.66 -2.69
N ARG C 107 10.13 -30.95 -3.03
CA ARG C 107 10.86 -31.20 -4.26
C ARG C 107 11.43 -32.63 -4.31
N LEU C 108 11.54 -33.20 -5.50
CA LEU C 108 12.16 -34.52 -5.65
C LEU C 108 13.68 -34.40 -5.62
N LYS C 109 14.38 -35.48 -5.25
CA LYS C 109 15.83 -35.50 -5.36
C LYS C 109 16.21 -35.43 -6.83
N GLU C 110 17.43 -34.94 -7.12
CA GLU C 110 17.85 -34.79 -8.51
C GLU C 110 17.74 -36.07 -9.34
N ASP C 111 18.15 -37.21 -8.76
CA ASP C 111 18.14 -38.46 -9.52
C ASP C 111 16.74 -38.94 -9.87
N GLU C 112 15.79 -38.77 -8.95
CA GLU C 112 14.40 -39.15 -9.22
C GLU C 112 13.77 -38.21 -10.26
N ALA C 113 14.08 -36.92 -10.16
CA ALA C 113 13.65 -35.94 -11.17
C ALA C 113 14.20 -36.28 -12.55
N ARG C 114 15.49 -36.61 -12.61
CA ARG C 114 16.11 -36.94 -13.90
C ARG C 114 15.52 -38.20 -14.51
N LYS C 115 15.17 -39.15 -13.66
CA LYS C 115 14.55 -40.40 -14.12
C LYS C 115 13.21 -40.11 -14.81
N TYR C 116 12.34 -39.38 -14.14
CA TYR C 116 11.05 -39.01 -14.72
C TYR C 116 11.24 -38.14 -15.96
N PHE C 117 12.27 -37.29 -15.92
CA PHE C 117 12.56 -36.43 -17.07
C PHE C 117 12.97 -37.28 -18.27
N GLN C 118 13.76 -38.33 -18.02
CA GLN C 118 14.16 -39.27 -19.07
C GLN C 118 12.96 -40.00 -19.68
N GLN C 119 12.05 -40.47 -18.85
CA GLN C 119 10.83 -41.13 -19.33
C GLN C 119 10.00 -40.18 -20.16
N LEU C 120 9.85 -38.96 -19.66
CA LEU C 120 9.09 -37.92 -20.35
C LEU C 120 9.65 -37.57 -21.73
N ILE C 121 10.95 -37.23 -21.76
CA ILE C 121 11.61 -36.81 -23.00
C ILE C 121 11.55 -37.93 -24.04
N ASN C 122 11.76 -39.17 -23.61
CA ASN C 122 11.77 -40.28 -24.54
C ASN C 122 10.39 -40.52 -25.13
N ALA C 123 9.37 -40.49 -24.28
CA ALA C 123 7.97 -40.64 -24.71
C ALA C 123 7.54 -39.52 -25.65
N VAL C 124 7.77 -38.28 -25.24
CA VAL C 124 7.44 -37.15 -26.10
C VAL C 124 8.20 -37.19 -27.44
N ASP C 125 9.50 -37.46 -27.38
CA ASP C 125 10.30 -37.53 -28.60
C ASP C 125 9.80 -38.63 -29.52
N TYR C 126 9.41 -39.75 -28.93
CA TYR C 126 8.88 -40.87 -29.70
C TYR C 126 7.63 -40.50 -30.47
N CYS C 127 6.69 -39.82 -29.81
CA CYS C 127 5.46 -39.39 -30.47
C CYS C 127 5.78 -38.39 -31.57
N HIS C 128 6.72 -37.49 -31.31
CA HIS C 128 7.12 -36.52 -32.33
C HIS C 128 7.66 -37.21 -33.57
N SER C 129 8.40 -38.31 -33.37
CA SER C 129 9.02 -39.02 -34.49
C SER C 129 7.97 -39.70 -35.37
N ARG C 130 6.78 -39.88 -34.80
CA ARG C 130 5.65 -40.48 -35.50
C ARG C 130 4.63 -39.41 -35.93
N GLY C 131 5.04 -38.15 -35.80
CA GLY C 131 4.29 -37.03 -36.33
C GLY C 131 3.17 -36.53 -35.43
N VAL C 132 3.31 -36.80 -34.13
CA VAL C 132 2.27 -36.42 -33.18
C VAL C 132 2.85 -35.50 -32.09
N TYR C 133 2.24 -34.31 -31.96
CA TYR C 133 2.68 -33.28 -31.03
C TYR C 133 1.58 -33.04 -30.03
N HIS C 134 1.94 -32.94 -28.75
CA HIS C 134 0.94 -32.73 -27.71
C HIS C 134 0.33 -31.32 -27.76
N ARG C 135 1.21 -30.32 -27.66
CA ARG C 135 0.86 -28.89 -27.76
C ARG C 135 0.20 -28.30 -26.51
N ASP C 136 -0.20 -29.14 -25.56
CA ASP C 136 -0.79 -28.64 -24.31
C ASP C 136 -0.37 -29.45 -23.10
N LEU C 137 0.90 -29.80 -23.04
CA LEU C 137 1.43 -30.63 -21.97
C LEU C 137 1.40 -29.88 -20.65
N LYS C 138 0.76 -30.47 -19.65
CA LYS C 138 0.53 -29.87 -18.32
C LYS C 138 0.84 -30.97 -17.29
N PRO C 139 1.10 -30.59 -16.02
CA PRO C 139 1.35 -31.62 -15.00
C PRO C 139 0.23 -32.65 -14.90
N GLU C 140 -0.99 -32.25 -15.23
CA GLU C 140 -2.11 -33.16 -15.09
CA GLU C 140 -2.14 -33.15 -15.12
C GLU C 140 -2.06 -34.27 -16.15
N ASN C 141 -1.15 -34.14 -17.11
CA ASN C 141 -0.93 -35.18 -18.13
C ASN C 141 0.15 -36.18 -17.71
N LEU C 142 0.75 -35.95 -16.54
CA LEU C 142 1.83 -36.81 -16.07
C LEU C 142 1.28 -37.72 -15.01
N LEU C 143 0.94 -38.94 -15.43
CA LEU C 143 0.31 -39.91 -14.54
C LEU C 143 1.33 -40.98 -14.18
N LEU C 144 0.98 -41.85 -13.23
CA LEU C 144 1.89 -42.87 -12.74
C LEU C 144 1.11 -44.18 -12.70
N ASP C 145 1.71 -45.29 -13.13
CA ASP C 145 1.03 -46.57 -13.02
C ASP C 145 1.32 -47.15 -11.65
N ALA C 146 0.73 -48.32 -11.36
CA ALA C 146 0.93 -48.98 -10.07
C ALA C 146 2.39 -49.08 -9.64
N ASN C 147 3.28 -49.25 -10.61
CA ASN C 147 4.69 -49.44 -10.32
C ASN C 147 5.54 -48.17 -10.34
N GLY C 148 4.89 -47.02 -10.50
CA GLY C 148 5.59 -45.75 -10.44
C GLY C 148 6.24 -45.31 -11.75
N ALA C 149 5.82 -45.90 -12.85
CA ALA C 149 6.33 -45.49 -14.15
C ALA C 149 5.47 -44.36 -14.72
N LEU C 150 6.12 -43.41 -15.39
CA LEU C 150 5.39 -42.28 -15.95
C LEU C 150 4.50 -42.72 -17.11
N LYS C 151 3.25 -42.27 -17.13
CA LYS C 151 2.36 -42.49 -18.26
C LYS C 151 1.82 -41.15 -18.72
N VAL C 152 2.18 -40.73 -19.93
CA VAL C 152 1.76 -39.41 -20.41
C VAL C 152 0.43 -39.47 -21.12
N SER C 153 -0.51 -38.63 -20.71
CA SER C 153 -1.85 -38.64 -21.28
C SER C 153 -2.07 -37.54 -22.33
N ASP C 154 -3.08 -37.78 -23.17
CA ASP C 154 -3.68 -36.80 -24.10
C ASP C 154 -2.96 -36.53 -25.42
N PHE C 155 -1.94 -37.29 -25.77
CA PHE C 155 -1.43 -37.20 -27.13
C PHE C 155 -2.55 -37.60 -28.08
N GLY C 156 -2.69 -36.89 -29.20
CA GLY C 156 -3.77 -37.13 -30.16
C GLY C 156 -5.10 -36.50 -29.74
N LEU C 157 -5.59 -36.85 -28.56
CA LEU C 157 -6.83 -36.29 -28.02
C LEU C 157 -6.77 -34.76 -27.90
N SER C 158 -5.58 -34.24 -27.63
CA SER C 158 -5.39 -32.81 -27.44
C SER C 158 -5.63 -31.99 -28.72
N ALA C 159 -5.59 -32.68 -29.86
CA ALA C 159 -5.87 -32.08 -31.16
C ALA C 159 -7.38 -31.85 -31.42
N LEU C 160 -8.25 -32.44 -30.60
CA LEU C 160 -9.68 -32.29 -30.81
C LEU C 160 -10.13 -30.86 -30.48
N PRO C 161 -11.24 -30.40 -31.08
CA PRO C 161 -11.75 -29.06 -30.79
C PRO C 161 -12.06 -28.83 -29.29
N GLN C 162 -11.87 -27.60 -28.84
CA GLN C 162 -12.04 -27.22 -27.43
C GLN C 162 -13.36 -27.67 -26.82
N GLN C 163 -14.45 -27.50 -27.55
CA GLN C 163 -15.77 -27.82 -27.03
C GLN C 163 -15.97 -29.31 -26.75
N VAL C 164 -15.09 -30.13 -27.30
CA VAL C 164 -15.14 -31.57 -27.10
C VAL C 164 -14.07 -31.99 -26.08
N ARG C 165 -13.16 -31.09 -25.78
CA ARG C 165 -12.19 -31.30 -24.71
CA ARG C 165 -12.19 -31.30 -24.71
C ARG C 165 -12.81 -30.97 -23.36
N GLU C 166 -13.94 -30.25 -23.39
CA GLU C 166 -14.71 -29.99 -22.18
C GLU C 166 -15.63 -31.19 -21.95
N ASP C 167 -15.10 -32.18 -21.25
CA ASP C 167 -15.70 -33.51 -21.20
C ASP C 167 -16.27 -33.88 -19.84
N GLY C 168 -16.51 -32.87 -19.00
CA GLY C 168 -17.13 -33.10 -17.70
C GLY C 168 -16.14 -33.36 -16.58
N LEU C 169 -14.85 -33.38 -16.90
CA LEU C 169 -13.82 -33.66 -15.92
C LEU C 169 -13.20 -32.36 -15.40
N LEU C 170 -12.67 -32.41 -14.18
CA LEU C 170 -12.00 -31.27 -13.57
C LEU C 170 -10.59 -31.10 -14.16
N HIS C 171 -10.35 -29.98 -14.86
CA HIS C 171 -9.02 -29.69 -15.42
C HIS C 171 -8.44 -28.38 -14.90
N ASP C 172 -7.80 -28.41 -13.74
CA ASP C 172 -7.01 -27.23 -13.39
C ASP C 172 -5.56 -27.56 -13.12
N THR C 173 -4.73 -26.55 -13.32
CA THR C 173 -3.31 -26.68 -13.24
C THR C 173 -2.88 -25.58 -12.31
N CYS C 174 -1.91 -25.88 -11.44
CA CYS C 174 -1.30 -24.84 -10.65
C CYS C 174 -0.30 -24.13 -11.54
N GLY C 175 -0.54 -22.85 -11.81
CA GLY C 175 0.41 -22.02 -12.54
C GLY C 175 0.37 -22.21 -14.04
N THR C 176 -0.84 -22.39 -14.57
CA THR C 176 -1.10 -22.60 -16.01
C THR C 176 -0.16 -21.92 -17.02
N PRO C 177 0.00 -20.58 -16.94
CA PRO C 177 0.81 -19.92 -17.96
C PRO C 177 2.24 -20.39 -18.00
N ASN C 178 2.78 -20.87 -16.88
CA ASN C 178 4.18 -21.34 -16.87
C ASN C 178 4.51 -22.36 -17.97
N TYR C 179 3.53 -23.23 -18.27
CA TYR C 179 3.79 -24.38 -19.12
C TYR C 179 3.58 -24.05 -20.60
N VAL C 180 3.13 -22.83 -20.88
CA VAL C 180 2.81 -22.46 -22.25
C VAL C 180 3.94 -21.60 -22.79
N ALA C 181 4.61 -22.05 -23.86
CA ALA C 181 5.76 -21.30 -24.36
C ALA C 181 5.31 -19.91 -24.83
N PRO C 182 6.23 -18.94 -24.80
CA PRO C 182 5.90 -17.55 -25.19
C PRO C 182 5.28 -17.46 -26.60
N GLU C 183 5.78 -18.26 -27.54
CA GLU C 183 5.26 -18.23 -28.93
C GLU C 183 3.85 -18.82 -29.04
N VAL C 184 3.51 -19.71 -28.11
CA VAL C 184 2.15 -20.26 -28.06
C VAL C 184 1.17 -19.26 -27.44
N ILE C 185 1.65 -18.47 -26.48
CA ILE C 185 0.82 -17.43 -25.85
C ILE C 185 0.45 -16.36 -26.87
N ASN C 186 1.44 -15.98 -27.66
CA ASN C 186 1.35 -14.81 -28.51
C ASN C 186 0.91 -15.07 -29.95
N ASN C 187 1.15 -16.26 -30.48
CA ASN C 187 0.93 -16.50 -31.91
C ASN C 187 -0.11 -17.55 -32.23
N LYS C 188 -0.75 -17.45 -33.39
CA LYS C 188 -1.74 -18.45 -33.81
C LYS C 188 -1.07 -19.78 -34.15
N GLY C 189 -0.06 -19.73 -35.01
CA GLY C 189 0.64 -20.97 -35.35
C GLY C 189 1.98 -21.07 -34.64
N TYR C 190 2.46 -22.28 -34.46
CA TYR C 190 3.75 -22.48 -33.81
C TYR C 190 4.26 -23.87 -34.05
N ASP C 191 5.55 -24.07 -33.77
CA ASP C 191 6.16 -25.40 -33.85
C ASP C 191 5.74 -26.26 -32.66
N GLY C 192 5.21 -27.45 -32.95
CA GLY C 192 4.78 -28.35 -31.89
C GLY C 192 5.92 -28.93 -31.08
N ALA C 193 7.02 -29.28 -31.74
CA ALA C 193 8.13 -29.86 -31.02
C ALA C 193 8.72 -28.86 -30.02
N LYS C 194 8.98 -27.64 -30.46
CA LYS C 194 9.54 -26.63 -29.53
C LYS C 194 8.55 -26.26 -28.43
N ALA C 195 7.26 -26.23 -28.76
CA ALA C 195 6.26 -25.93 -27.74
C ALA C 195 6.22 -27.02 -26.67
N ASP C 196 6.28 -28.27 -27.10
CA ASP C 196 6.34 -29.40 -26.16
C ASP C 196 7.62 -29.38 -25.34
N LEU C 197 8.75 -29.03 -25.97
CA LEU C 197 10.02 -29.00 -25.25
C LEU C 197 10.03 -27.93 -24.13
N TRP C 198 9.47 -26.75 -24.39
CA TRP C 198 9.30 -25.72 -23.33
C TRP C 198 8.55 -26.28 -22.12
N SER C 199 7.39 -26.89 -22.39
CA SER C 199 6.60 -27.53 -21.35
C SER C 199 7.40 -28.54 -20.52
N CYS C 200 8.15 -29.41 -21.18
CA CYS C 200 9.00 -30.38 -20.50
C CYS C 200 10.02 -29.71 -19.60
N GLY C 201 10.61 -28.63 -20.08
CA GLY C 201 11.61 -27.92 -19.31
C GLY C 201 11.06 -27.30 -18.04
N VAL C 202 9.86 -26.75 -18.12
CA VAL C 202 9.19 -26.19 -16.93
C VAL C 202 8.84 -27.32 -15.97
N ILE C 203 8.43 -28.45 -16.52
CA ILE C 203 8.08 -29.60 -15.67
C ILE C 203 9.29 -30.03 -14.89
N LEU C 204 10.43 -30.08 -15.57
CA LEU C 204 11.68 -30.46 -14.91
C LEU C 204 12.03 -29.45 -13.82
N PHE C 205 11.88 -28.16 -14.14
CA PHE C 205 12.15 -27.13 -13.11
C PHE C 205 11.35 -27.36 -11.84
N VAL C 206 10.04 -27.57 -11.98
CA VAL C 206 9.14 -27.74 -10.84
C VAL C 206 9.50 -28.99 -10.02
N LEU C 207 9.84 -30.08 -10.70
CA LEU C 207 10.21 -31.32 -10.00
C LEU C 207 11.46 -31.09 -9.16
N MET C 208 12.43 -30.36 -9.70
CA MET C 208 13.70 -30.15 -9.01
C MET C 208 13.69 -29.01 -8.02
N ALA C 209 12.80 -28.04 -8.22
CA ALA C 209 12.69 -26.89 -7.32
C ALA C 209 11.56 -27.02 -6.29
N GLY C 210 10.46 -27.66 -6.71
CA GLY C 210 9.26 -27.69 -5.89
C GLY C 210 8.37 -26.46 -6.06
N TYR C 211 8.70 -25.58 -6.99
CA TYR C 211 7.88 -24.40 -7.22
C TYR C 211 8.05 -23.94 -8.65
N LEU C 212 7.14 -23.09 -9.10
CA LEU C 212 7.11 -22.64 -10.49
C LEU C 212 8.18 -21.60 -10.78
N PRO C 213 8.77 -21.64 -11.99
CA PRO C 213 9.85 -20.68 -12.27
C PRO C 213 9.35 -19.26 -12.52
N PHE C 214 8.13 -19.10 -13.00
CA PHE C 214 7.58 -17.78 -13.30
C PHE C 214 6.47 -17.43 -12.34
N GLU C 215 6.67 -16.38 -11.56
CA GLU C 215 5.59 -15.90 -10.72
C GLU C 215 5.65 -14.39 -10.58
N ASP C 216 4.49 -13.82 -10.34
CA ASP C 216 4.35 -12.42 -10.02
C ASP C 216 2.87 -12.25 -9.75
N SER C 217 2.55 -11.57 -8.66
CA SER C 217 1.18 -11.24 -8.34
C SER C 217 0.60 -10.36 -9.44
N ASN C 218 1.45 -9.47 -9.97
CA ASN C 218 1.07 -8.63 -11.11
C ASN C 218 1.14 -9.38 -12.44
N LEU C 219 0.00 -9.53 -13.09
CA LEU C 219 -0.10 -10.32 -14.30
C LEU C 219 0.74 -9.78 -15.44
N THR C 220 0.81 -8.45 -15.57
CA THR C 220 1.62 -7.87 -16.65
C THR C 220 3.07 -8.22 -16.44
N SER C 221 3.54 -8.14 -15.19
CA SER C 221 4.92 -8.50 -14.89
C SER C 221 5.19 -10.00 -15.07
N LEU C 222 4.19 -10.82 -14.78
CA LEU C 222 4.30 -12.27 -14.97
C LEU C 222 4.57 -12.60 -16.43
N TYR C 223 3.73 -12.07 -17.31
CA TYR C 223 3.91 -12.40 -18.72
C TYR C 223 5.18 -11.76 -19.29
N LYS C 224 5.56 -10.59 -18.78
CA LYS C 224 6.84 -10.04 -19.18
C LYS C 224 8.00 -10.98 -18.84
N LYS C 225 7.96 -11.57 -17.64
CA LYS C 225 8.99 -12.51 -17.25
C LYS C 225 8.99 -13.73 -18.17
N ILE C 226 7.81 -14.28 -18.47
CA ILE C 226 7.72 -15.44 -19.37
C ILE C 226 8.33 -15.13 -20.72
N PHE C 227 7.98 -13.98 -21.30
CA PHE C 227 8.50 -13.65 -22.63
C PHE C 227 10.03 -13.38 -22.65
N LYS C 228 10.61 -13.02 -21.51
CA LYS C 228 12.06 -12.82 -21.44
C LYS C 228 12.74 -14.06 -20.86
N ALA C 229 11.94 -15.06 -20.49
CA ALA C 229 12.41 -16.21 -19.71
C ALA C 229 13.28 -15.75 -18.53
N GLU C 230 12.77 -14.80 -17.78
CA GLU C 230 13.46 -14.34 -16.59
C GLU C 230 13.03 -15.22 -15.43
N PHE C 231 13.91 -16.10 -14.98
CA PHE C 231 13.62 -16.93 -13.82
C PHE C 231 14.94 -17.23 -13.17
N THR C 232 14.91 -17.73 -11.94
CA THR C 232 16.13 -18.00 -11.18
C THR C 232 16.19 -19.45 -10.68
N CYS C 233 17.27 -20.16 -11.01
CA CYS C 233 17.43 -21.52 -10.50
C CYS C 233 17.87 -21.50 -9.03
N PRO C 234 17.30 -22.38 -8.20
CA PRO C 234 17.72 -22.37 -6.80
C PRO C 234 19.17 -22.89 -6.64
N PRO C 235 19.78 -22.62 -5.48
CA PRO C 235 21.21 -22.94 -5.32
C PRO C 235 21.52 -24.44 -5.32
N TRP C 236 20.52 -25.29 -5.08
CA TRP C 236 20.74 -26.74 -5.07
C TRP C 236 20.79 -27.36 -6.48
N PHE C 237 20.43 -26.58 -7.50
CA PHE C 237 20.58 -27.05 -8.88
C PHE C 237 22.07 -27.17 -9.19
N SER C 238 22.47 -28.26 -9.83
CA SER C 238 23.84 -28.37 -10.31
C SER C 238 24.11 -27.45 -11.49
N ALA C 239 25.39 -27.20 -11.76
CA ALA C 239 25.78 -26.34 -12.85
C ALA C 239 25.26 -26.89 -14.18
N SER C 240 25.39 -28.21 -14.35
CA SER C 240 24.99 -28.83 -15.61
C SER C 240 23.48 -28.87 -15.80
N ALA C 241 22.72 -29.04 -14.72
CA ALA C 241 21.26 -29.04 -14.82
C ALA C 241 20.73 -27.64 -15.13
N LYS C 242 21.27 -26.64 -14.42
CA LYS C 242 20.92 -25.24 -14.66
C LYS C 242 21.18 -24.80 -16.10
N LYS C 243 22.32 -25.22 -16.66
CA LYS C 243 22.68 -24.87 -18.02
C LYS C 243 21.76 -25.51 -19.05
N LEU C 244 21.36 -26.75 -18.81
CA LEU C 244 20.42 -27.41 -19.73
C LEU C 244 19.03 -26.77 -19.63
N ILE C 245 18.60 -26.44 -18.43
CA ILE C 245 17.28 -25.84 -18.24
C ILE C 245 17.23 -24.47 -18.91
N LYS C 246 18.31 -23.71 -18.82
CA LYS C 246 18.32 -22.40 -19.44
C LYS C 246 18.28 -22.48 -20.98
N ARG C 247 18.82 -23.54 -21.57
CA ARG C 247 18.76 -23.72 -23.01
CA ARG C 247 18.75 -23.71 -23.01
C ARG C 247 17.38 -24.18 -23.47
N ILE C 248 16.74 -25.02 -22.65
CA ILE C 248 15.38 -25.46 -22.93
C ILE C 248 14.41 -24.29 -22.82
N LEU C 249 14.54 -23.48 -21.78
CA LEU C 249 13.62 -22.37 -21.57
C LEU C 249 14.09 -21.09 -22.26
N ASP C 250 14.63 -21.26 -23.47
CA ASP C 250 14.98 -20.16 -24.37
C ASP C 250 13.64 -19.61 -24.89
N PRO C 251 13.39 -18.32 -24.69
CA PRO C 251 12.09 -17.77 -25.05
C PRO C 251 11.90 -17.60 -26.56
N ASN C 252 12.96 -17.81 -27.33
CA ASN C 252 12.86 -17.80 -28.80
C ASN C 252 12.83 -19.23 -29.35
N PRO C 253 11.68 -19.66 -29.90
CA PRO C 253 11.61 -21.02 -30.44
C PRO C 253 12.55 -21.25 -31.65
N ALA C 254 12.98 -20.17 -32.31
CA ALA C 254 13.95 -20.32 -33.41
C ALA C 254 15.32 -20.77 -32.93
N THR C 255 15.73 -20.34 -31.73
CA THR C 255 17.03 -20.73 -31.19
C THR C 255 16.99 -21.76 -30.06
N ARG C 256 15.78 -22.09 -29.59
CA ARG C 256 15.59 -23.12 -28.55
C ARG C 256 16.22 -24.45 -28.97
N ILE C 257 16.89 -25.09 -28.02
CA ILE C 257 17.56 -26.36 -28.20
C ILE C 257 16.59 -27.40 -28.77
N THR C 258 17.10 -28.45 -29.43
CA THR C 258 16.25 -29.53 -29.95
C THR C 258 16.21 -30.73 -29.02
N PHE C 259 15.22 -31.62 -29.22
CA PHE C 259 15.12 -32.86 -28.44
C PHE C 259 16.37 -33.72 -28.60
N ALA C 260 16.88 -33.77 -29.82
CA ALA C 260 18.10 -34.49 -30.12
C ALA C 260 19.25 -33.96 -29.28
N GLU C 261 19.34 -32.63 -29.13
CA GLU C 261 20.40 -32.05 -28.32
C GLU C 261 20.20 -32.34 -26.82
N VAL C 262 18.96 -32.40 -26.36
CA VAL C 262 18.68 -32.74 -24.98
C VAL C 262 19.11 -34.19 -24.69
N ILE C 263 18.85 -35.07 -25.64
CA ILE C 263 19.16 -36.48 -25.49
C ILE C 263 20.69 -36.73 -25.46
N GLU C 264 21.43 -35.88 -26.18
CA GLU C 264 22.89 -35.93 -26.19
C GLU C 264 23.56 -35.24 -24.99
N ASN C 265 22.77 -34.50 -24.21
CA ASN C 265 23.29 -33.70 -23.10
C ASN C 265 23.88 -34.55 -21.95
N GLU C 266 25.02 -34.11 -21.42
CA GLU C 266 25.76 -34.88 -20.42
C GLU C 266 24.99 -35.10 -19.12
N TRP C 267 24.24 -34.09 -18.68
CA TRP C 267 23.41 -34.24 -17.49
C TRP C 267 22.32 -35.25 -17.78
N PHE C 268 21.69 -35.12 -18.95
CA PHE C 268 20.57 -35.98 -19.32
C PHE C 268 20.99 -37.45 -19.38
N LYS C 269 22.17 -37.72 -19.92
CA LYS C 269 22.67 -39.08 -20.14
C LYS C 269 23.09 -39.83 -18.87
N LYS C 270 23.12 -39.12 -17.75
CA LYS C 270 23.49 -39.72 -16.47
C LYS C 270 22.44 -40.76 -16.02
N GLY C 271 22.86 -42.01 -15.90
CA GLY C 271 21.97 -43.08 -15.51
C GLY C 271 20.92 -43.41 -16.57
N TYR C 272 21.16 -42.91 -17.78
CA TYR C 272 20.18 -43.02 -18.86
C TYR C 272 20.28 -44.34 -19.62
N LYS C 273 19.24 -45.16 -19.49
CA LYS C 273 19.14 -46.41 -20.21
C LYS C 273 17.93 -46.31 -21.12
N ALA C 274 18.16 -45.97 -22.39
CA ALA C 274 17.08 -45.89 -23.37
C ALA C 274 16.25 -47.17 -23.30
N PRO C 275 14.92 -47.02 -23.25
CA PRO C 275 14.07 -48.20 -23.09
C PRO C 275 13.99 -49.00 -24.38
N LYS C 276 14.06 -50.32 -24.25
CA LYS C 276 13.93 -51.23 -25.39
C LYS C 276 12.49 -51.73 -25.51
N PHE C 277 11.86 -51.38 -26.63
CA PHE C 277 10.49 -51.77 -26.90
C PHE C 277 10.29 -51.76 -28.41
N GLU C 278 9.26 -52.45 -28.88
CA GLU C 278 9.01 -52.58 -30.31
C GLU C 278 7.66 -52.00 -30.71
N ASN C 279 7.63 -51.38 -31.89
CA ASN C 279 6.40 -50.86 -32.47
C ASN C 279 6.41 -51.04 -33.98
N ALA C 280 6.03 -52.23 -34.43
CA ALA C 280 5.93 -52.51 -35.86
C ALA C 280 4.48 -52.76 -36.26
N ASP C 286 -5.96 -45.93 -44.37
CA ASP C 286 -7.04 -46.29 -43.46
C ASP C 286 -7.50 -45.09 -42.66
N VAL C 287 -6.72 -44.02 -42.73
CA VAL C 287 -6.89 -42.85 -41.86
C VAL C 287 -8.26 -42.18 -42.04
N ASP C 288 -8.65 -41.96 -43.30
CA ASP C 288 -9.91 -41.29 -43.59
C ASP C 288 -11.14 -41.99 -42.98
N ALA C 289 -11.01 -43.29 -42.70
CA ALA C 289 -12.11 -44.08 -42.14
C ALA C 289 -12.01 -44.33 -40.63
N ILE C 290 -11.28 -43.46 -39.93
CA ILE C 290 -11.08 -43.61 -38.49
C ILE C 290 -12.37 -43.41 -37.69
N PHE C 291 -13.24 -42.53 -38.18
CA PHE C 291 -14.46 -42.17 -37.48
C PHE C 291 -15.75 -42.59 -38.20
N ASP C 292 -15.68 -43.51 -39.16
CA ASP C 292 -16.95 -43.95 -39.75
C ASP C 292 -17.61 -45.13 -39.04
N ASP C 293 -18.92 -45.25 -39.25
CA ASP C 293 -19.82 -46.15 -38.52
C ASP C 293 -19.44 -47.63 -38.64
N SER C 294 -19.79 -48.40 -37.60
CA SER C 294 -19.59 -49.85 -37.60
C SER C 294 -20.40 -50.51 -36.47
N PRO D 1 3.26 49.42 29.31
CA PRO D 1 4.42 50.14 29.86
C PRO D 1 5.63 50.04 28.93
N GLY D 2 6.20 48.86 28.83
CA GLY D 2 7.45 48.72 28.11
C GLY D 2 8.60 49.10 29.03
N ILE D 3 9.80 49.05 28.49
CA ILE D 3 11.03 48.89 29.27
C ILE D 3 11.73 50.18 29.73
N HIS D 4 12.07 50.23 31.01
CA HIS D 4 12.74 51.41 31.56
CA HIS D 4 12.73 51.41 31.57
C HIS D 4 14.12 51.09 32.13
N SER D 5 14.27 49.91 32.70
CA SER D 5 15.59 49.45 33.13
C SER D 5 15.73 47.99 32.70
N GLY D 6 16.29 47.79 31.52
CA GLY D 6 16.55 46.45 31.03
C GLY D 6 17.79 45.97 31.73
N ARG D 7 18.09 44.67 31.58
CA ARG D 7 19.31 44.11 32.13
C ARG D 7 20.52 44.64 31.36
N THR D 8 20.31 44.99 30.10
CA THR D 8 21.37 45.57 29.28
C THR D 8 20.86 46.78 28.51
N ARG D 9 21.77 47.67 28.16
CA ARG D 9 21.41 48.85 27.41
C ARG D 9 22.43 48.98 26.30
N VAL D 10 21.95 49.19 25.08
CA VAL D 10 22.83 49.29 23.92
C VAL D 10 22.58 50.62 23.25
N GLY D 11 23.62 51.47 23.26
CA GLY D 11 23.49 52.85 22.83
C GLY D 11 22.25 53.49 23.41
N LYS D 12 21.31 53.79 22.53
CA LYS D 12 20.10 54.52 22.83
C LYS D 12 18.98 53.62 23.40
N TYR D 13 19.19 52.30 23.39
CA TYR D 13 18.11 51.37 23.69
C TYR D 13 18.25 50.58 24.97
N GLU D 14 17.17 50.52 25.75
CA GLU D 14 17.10 49.62 26.90
C GLU D 14 16.57 48.27 26.43
N LEU D 15 17.34 47.21 26.68
CA LEU D 15 16.98 45.88 26.18
C LEU D 15 16.34 45.03 27.26
N GLY D 16 15.12 44.58 27.01
CA GLY D 16 14.43 43.74 27.97
C GLY D 16 14.69 42.27 27.75
N ARG D 17 13.66 41.46 27.92
CA ARG D 17 13.89 40.03 27.93
C ARG D 17 13.94 39.43 26.53
N THR D 18 14.58 38.28 26.44
CA THR D 18 14.73 37.56 25.19
C THR D 18 13.45 36.82 24.94
N LEU D 19 12.76 37.21 23.87
CA LEU D 19 11.50 36.59 23.53
C LEU D 19 11.80 35.31 22.74
N GLY D 20 12.77 35.39 21.83
CA GLY D 20 13.22 34.23 21.07
C GLY D 20 14.73 34.11 20.99
N GLU D 21 15.24 32.88 21.06
CA GLU D 21 16.68 32.65 20.92
C GLU D 21 16.94 31.55 19.91
N GLY D 22 17.73 31.85 18.88
CA GLY D 22 18.22 30.84 17.96
C GLY D 22 19.71 30.72 18.19
N THR D 23 20.40 29.99 17.31
CA THR D 23 21.83 29.75 17.47
C THR D 23 22.67 31.01 17.27
N PHE D 24 22.33 31.78 16.24
CA PHE D 24 23.11 32.97 15.90
C PHE D 24 22.31 34.26 16.05
N ALA D 25 21.04 34.14 16.44
CA ALA D 25 20.16 35.31 16.52
C ALA D 25 19.26 35.26 17.75
N LYS D 26 18.93 36.44 18.28
CA LYS D 26 17.99 36.57 19.39
C LYS D 26 17.03 37.73 19.09
N VAL D 27 15.84 37.68 19.69
CA VAL D 27 14.91 38.80 19.59
C VAL D 27 14.51 39.28 21.00
N LYS D 28 14.69 40.58 21.24
CA LYS D 28 14.39 41.15 22.55
C LYS D 28 13.41 42.31 22.44
N PHE D 29 12.63 42.53 23.48
CA PHE D 29 11.83 43.73 23.62
C PHE D 29 12.82 44.85 23.87
N ALA D 30 12.50 46.06 23.41
CA ALA D 30 13.35 47.21 23.70
C ALA D 30 12.56 48.51 23.72
N ARG D 31 13.18 49.53 24.30
CA ARG D 31 12.60 50.84 24.34
C ARG D 31 13.63 51.87 23.94
N ASN D 32 13.25 52.77 23.04
CA ASN D 32 14.05 53.93 22.71
C ASN D 32 13.79 54.99 23.79
N VAL D 33 14.82 55.35 24.55
CA VAL D 33 14.65 56.23 25.70
C VAL D 33 14.47 57.70 25.33
N GLU D 34 14.66 58.02 24.05
CA GLU D 34 14.50 59.39 23.57
C GLU D 34 13.07 59.67 23.12
N ASN D 35 12.47 58.72 22.40
CA ASN D 35 11.11 58.89 21.90
C ASN D 35 10.08 58.05 22.66
N GLY D 36 10.56 57.06 23.40
CA GLY D 36 9.69 56.21 24.20
C GLY D 36 8.95 55.15 23.41
N ASP D 37 9.32 54.94 22.16
CA ASP D 37 8.65 53.87 21.42
C ASP D 37 9.17 52.50 21.82
N ASN D 38 8.22 51.59 22.04
CA ASN D 38 8.53 50.18 22.23
C ASN D 38 8.79 49.54 20.87
N VAL D 39 9.93 48.87 20.75
CA VAL D 39 10.33 48.21 19.53
C VAL D 39 10.79 46.79 19.81
N ALA D 40 11.14 46.06 18.76
CA ALA D 40 11.80 44.78 18.92
C ALA D 40 13.19 44.90 18.34
N ILE D 41 14.18 44.28 19.00
CA ILE D 41 15.51 44.30 18.43
C ILE D 41 15.99 42.89 18.13
N LYS D 42 16.42 42.66 16.89
CA LYS D 42 16.95 41.36 16.51
C LYS D 42 18.47 41.48 16.52
N VAL D 43 19.12 40.64 17.33
CA VAL D 43 20.56 40.69 17.54
C VAL D 43 21.18 39.47 16.89
N ILE D 44 22.11 39.69 15.95
CA ILE D 44 22.71 38.61 15.21
C ILE D 44 24.23 38.64 15.27
N ASP D 45 24.83 37.45 15.39
CA ASP D 45 26.28 37.28 15.37
C ASP D 45 26.91 37.89 14.13
N LYS D 46 27.76 38.88 14.34
CA LYS D 46 28.26 39.74 13.27
C LYS D 46 29.20 39.05 12.28
N GLU D 47 30.17 38.30 12.80
CA GLU D 47 31.16 37.66 11.95
C GLU D 47 30.52 36.56 11.08
N LYS D 48 29.52 35.89 11.64
CA LYS D 48 28.75 34.89 10.90
C LYS D 48 28.12 35.51 9.66
N VAL D 49 27.63 36.74 9.79
CA VAL D 49 27.04 37.46 8.66
C VAL D 49 28.09 37.92 7.67
N LEU D 50 29.22 38.41 8.18
CA LEU D 50 30.26 39.02 7.34
C LEU D 50 31.00 38.04 6.41
N LYS D 51 30.97 36.75 6.76
CA LYS D 51 31.69 35.75 5.99
C LYS D 51 30.80 35.13 4.91
N ASN D 52 29.57 35.63 4.78
CA ASN D 52 28.63 35.10 3.80
C ASN D 52 29.07 35.48 2.39
N LYS D 53 28.95 34.53 1.46
CA LYS D 53 29.39 34.78 0.09
C LYS D 53 28.69 35.99 -0.54
N MET D 54 27.43 36.22 -0.16
CA MET D 54 26.64 37.29 -0.76
C MET D 54 26.53 38.52 0.15
N ILE D 55 27.55 38.75 0.97
CA ILE D 55 27.56 39.87 1.90
C ILE D 55 27.30 41.21 1.21
N ALA D 56 27.79 41.37 -0.02
CA ALA D 56 27.54 42.62 -0.76
C ALA D 56 26.05 42.84 -1.02
N GLN D 57 25.34 41.78 -1.39
CA GLN D 57 23.89 41.82 -1.58
C GLN D 57 23.17 42.19 -0.29
N ILE D 58 23.51 41.49 0.78
CA ILE D 58 22.91 41.70 2.11
C ILE D 58 23.08 43.14 2.55
N LYS D 59 24.31 43.65 2.47
CA LYS D 59 24.58 45.04 2.85
C LYS D 59 23.70 46.02 2.07
N ARG D 60 23.63 45.85 0.76
CA ARG D 60 22.80 46.72 -0.08
C ARG D 60 21.31 46.65 0.28
N GLU D 61 20.76 45.44 0.31
CA GLU D 61 19.35 45.29 0.64
C GLU D 61 18.98 45.83 2.03
N ILE D 62 19.81 45.55 3.02
CA ILE D 62 19.53 46.03 4.38
C ILE D 62 19.63 47.54 4.43
N SER D 63 20.67 48.09 3.83
CA SER D 63 20.82 49.54 3.77
C SER D 63 19.60 50.19 3.15
N THR D 64 19.14 49.66 2.02
CA THR D 64 17.93 50.16 1.35
C THR D 64 16.68 50.13 2.25
N MET D 65 16.49 49.02 2.97
CA MET D 65 15.31 48.89 3.81
C MET D 65 15.26 49.90 4.96
N LYS D 66 16.43 50.29 5.45
CA LYS D 66 16.50 51.25 6.54
C LYS D 66 15.81 52.57 6.18
N LEU D 67 15.86 52.96 4.91
CA LEU D 67 15.22 54.19 4.48
C LEU D 67 13.81 54.00 3.93
N ILE D 68 13.40 52.75 3.71
CA ILE D 68 12.06 52.49 3.20
C ILE D 68 11.00 52.76 4.26
N LYS D 69 10.02 53.59 3.89
CA LYS D 69 8.85 53.86 4.70
C LYS D 69 7.65 53.66 3.80
N HIS D 70 6.95 52.56 4.02
CA HIS D 70 5.76 52.21 3.29
C HIS D 70 4.79 51.78 4.35
N PRO D 71 3.51 52.12 4.20
CA PRO D 71 2.57 51.82 5.28
C PRO D 71 2.24 50.35 5.45
N ASN D 72 2.61 49.51 4.49
CA ASN D 72 2.33 48.08 4.60
C ASN D 72 3.61 47.27 4.72
N VAL D 73 4.71 47.97 5.05
CA VAL D 73 5.99 47.33 5.28
C VAL D 73 6.46 47.62 6.70
N ILE D 74 6.72 46.55 7.47
CA ILE D 74 7.36 46.68 8.79
C ILE D 74 8.61 47.55 8.73
N ARG D 75 8.68 48.55 9.61
CA ARG D 75 9.81 49.47 9.60
CA ARG D 75 9.82 49.48 9.61
C ARG D 75 11.08 48.88 10.21
N MET D 76 12.20 49.12 9.54
CA MET D 76 13.50 48.85 10.11
C MET D 76 14.06 50.21 10.46
N PHE D 77 13.96 50.56 11.73
CA PHE D 77 14.30 51.91 12.20
C PHE D 77 15.78 52.20 12.14
N GLU D 78 16.57 51.23 12.58
CA GLU D 78 17.98 51.52 12.79
C GLU D 78 18.76 50.23 12.74
N VAL D 79 20.01 50.33 12.30
CA VAL D 79 20.95 49.22 12.39
C VAL D 79 22.21 49.64 13.14
N MET D 80 22.38 49.10 14.35
CA MET D 80 23.60 49.34 15.13
C MET D 80 24.51 48.13 15.05
N ALA D 81 25.79 48.33 15.33
CA ALA D 81 26.72 47.22 15.44
C ALA D 81 27.82 47.47 16.49
N SER D 82 28.31 46.38 17.08
CA SER D 82 29.45 46.41 17.97
C SER D 82 30.54 45.60 17.28
N LYS D 83 31.56 45.17 18.02
CA LYS D 83 32.56 44.32 17.43
C LYS D 83 31.98 42.94 17.09
N THR D 84 31.02 42.49 17.88
CA THR D 84 30.54 41.10 17.79
C THR D 84 29.09 40.91 17.31
N LYS D 85 28.28 41.96 17.38
CA LYS D 85 26.85 41.82 17.13
C LYS D 85 26.33 42.87 16.17
N ILE D 86 25.32 42.49 15.39
CA ILE D 86 24.54 43.48 14.67
C ILE D 86 23.17 43.60 15.32
N TYR D 87 22.72 44.84 15.54
CA TYR D 87 21.42 45.09 16.15
C TYR D 87 20.45 45.67 15.12
N PHE D 88 19.43 44.92 14.76
CA PHE D 88 18.42 45.40 13.84
C PHE D 88 17.23 45.89 14.66
N VAL D 89 16.95 47.18 14.61
CA VAL D 89 15.86 47.76 15.39
C VAL D 89 14.60 47.82 14.55
N LEU D 90 13.55 47.10 15.00
CA LEU D 90 12.38 46.85 14.15
C LEU D 90 11.04 47.15 14.81
N GLU D 91 10.08 47.50 13.97
CA GLU D 91 8.71 47.79 14.40
C GLU D 91 7.96 46.55 14.91
N PHE D 92 7.35 46.69 16.09
CA PHE D 92 6.51 45.70 16.74
C PHE D 92 5.09 46.02 16.28
N VAL D 93 4.32 45.02 15.87
CA VAL D 93 2.89 45.22 15.68
C VAL D 93 2.11 44.22 16.50
N THR D 94 0.82 44.48 16.66
CA THR D 94 0.04 43.82 17.69
C THR D 94 -1.22 43.07 17.23
N GLY D 95 -1.53 43.15 15.93
CA GLY D 95 -2.74 42.55 15.39
C GLY D 95 -2.67 41.05 15.10
N GLY D 96 -1.50 40.45 15.28
CA GLY D 96 -1.33 39.02 15.02
C GLY D 96 -1.12 38.74 13.54
N GLU D 97 -1.05 37.45 13.18
CA GLU D 97 -0.87 37.04 11.79
C GLU D 97 -2.18 37.07 10.98
N LEU D 98 -2.09 37.46 9.71
CA LEU D 98 -3.27 37.50 8.83
C LEU D 98 -4.03 36.18 8.74
N PHE D 99 -3.33 35.05 8.70
CA PHE D 99 -3.99 33.74 8.51
C PHE D 99 -4.73 33.20 9.74
N ASP D 100 -4.67 33.88 10.87
CA ASP D 100 -5.42 33.43 12.03
C ASP D 100 -6.90 33.32 11.69
N LYS D 101 -7.39 34.32 10.94
CA LYS D 101 -8.74 34.32 10.41
C LYS D 101 -9.12 33.01 9.71
N ILE D 102 -8.23 32.58 8.82
CA ILE D 102 -8.49 31.38 8.01
C ILE D 102 -8.63 30.11 8.86
N SER D 103 -7.58 29.81 9.63
CA SER D 103 -7.56 28.58 10.43
C SER D 103 -8.76 28.47 11.37
N SER D 104 -9.24 29.63 11.84
CA SER D 104 -10.34 29.69 12.78
C SER D 104 -11.73 29.82 12.13
N ASN D 105 -11.84 30.68 11.13
CA ASN D 105 -13.15 31.09 10.58
C ASN D 105 -13.28 30.82 9.08
N GLY D 106 -12.27 30.17 8.52
CA GLY D 106 -12.29 29.79 7.12
C GLY D 106 -12.01 30.97 6.21
N ARG D 107 -12.32 30.77 4.94
CA ARG D 107 -12.00 31.73 3.88
C ARG D 107 -12.58 33.12 4.09
N LEU D 108 -11.82 34.13 3.69
CA LEU D 108 -12.30 35.50 3.68
C LEU D 108 -13.30 35.71 2.55
N LYS D 109 -14.14 36.73 2.69
CA LYS D 109 -14.99 37.18 1.60
C LYS D 109 -14.13 37.76 0.49
N GLU D 110 -14.56 37.63 -0.75
CA GLU D 110 -13.77 38.08 -1.89
C GLU D 110 -13.23 39.50 -1.75
N ASP D 111 -14.08 40.45 -1.40
CA ASP D 111 -13.64 41.84 -1.26
C ASP D 111 -12.58 42.01 -0.17
N GLU D 112 -12.72 41.26 0.93
CA GLU D 112 -11.72 41.37 1.99
C GLU D 112 -10.38 40.76 1.59
N ALA D 113 -10.43 39.60 0.94
CA ALA D 113 -9.23 38.99 0.40
C ALA D 113 -8.57 39.91 -0.62
N ARG D 114 -9.39 40.54 -1.45
CA ARG D 114 -8.86 41.46 -2.45
C ARG D 114 -8.18 42.66 -1.82
N LYS D 115 -8.73 43.16 -0.71
CA LYS D 115 -8.12 44.32 -0.07
C LYS D 115 -6.73 44.00 0.46
N TYR D 116 -6.59 42.87 1.13
CA TYR D 116 -5.28 42.48 1.64
C TYR D 116 -4.31 42.20 0.50
N PHE D 117 -4.83 41.61 -0.57
CA PHE D 117 -4.00 41.29 -1.73
C PHE D 117 -3.45 42.57 -2.39
N GLN D 118 -4.26 43.63 -2.42
CA GLN D 118 -3.83 44.91 -2.95
C GLN D 118 -2.73 45.52 -2.08
N GLN D 119 -2.89 45.44 -0.76
CA GLN D 119 -1.87 45.90 0.16
C GLN D 119 -0.56 45.11 0.00
N LEU D 120 -0.66 43.79 -0.09
CA LEU D 120 0.53 42.94 -0.31
C LEU D 120 1.27 43.30 -1.60
N ILE D 121 0.52 43.32 -2.70
CA ILE D 121 1.09 43.55 -4.04
C ILE D 121 1.76 44.93 -4.08
N ASN D 122 1.07 45.94 -3.56
CA ASN D 122 1.64 47.30 -3.45
CA ASN D 122 1.66 47.28 -3.52
C ASN D 122 2.98 47.31 -2.73
N ALA D 123 2.97 46.74 -1.53
CA ALA D 123 4.15 46.70 -0.67
C ALA D 123 5.32 45.97 -1.31
N VAL D 124 5.04 44.82 -1.89
CA VAL D 124 6.08 44.03 -2.53
C VAL D 124 6.66 44.72 -3.76
N ASP D 125 5.76 45.24 -4.60
CA ASP D 125 6.19 45.93 -5.83
C ASP D 125 7.02 47.17 -5.48
N TYR D 126 6.66 47.83 -4.38
CA TYR D 126 7.37 49.01 -3.89
C TYR D 126 8.82 48.66 -3.57
N CYS D 127 9.02 47.57 -2.83
CA CYS D 127 10.36 47.14 -2.47
C CYS D 127 11.16 46.69 -3.69
N HIS D 128 10.48 46.04 -4.62
CA HIS D 128 11.11 45.59 -5.86
C HIS D 128 11.68 46.77 -6.66
N SER D 129 10.93 47.86 -6.69
CA SER D 129 11.34 49.08 -7.42
C SER D 129 12.64 49.64 -6.89
N ARG D 130 12.92 49.32 -5.63
CA ARG D 130 14.11 49.81 -4.95
C ARG D 130 15.19 48.75 -4.83
N GLY D 131 15.02 47.68 -5.60
CA GLY D 131 16.05 46.66 -5.70
C GLY D 131 16.01 45.61 -4.60
N VAL D 132 14.93 45.57 -3.80
CA VAL D 132 14.83 44.58 -2.72
C VAL D 132 13.78 43.49 -3.02
N TYR D 133 14.21 42.24 -3.10
CA TYR D 133 13.28 41.13 -3.36
C TYR D 133 13.15 40.31 -2.09
N HIS D 134 11.95 39.80 -1.82
CA HIS D 134 11.76 39.14 -0.53
C HIS D 134 12.31 37.72 -0.58
N ARG D 135 11.80 36.94 -1.54
CA ARG D 135 12.23 35.56 -1.80
C ARG D 135 11.83 34.55 -0.73
N ASP D 136 11.09 35.00 0.28
CA ASP D 136 10.73 34.10 1.38
C ASP D 136 9.36 34.49 1.91
N LEU D 137 8.47 34.87 1.01
CA LEU D 137 7.14 35.33 1.42
C LEU D 137 6.29 34.14 1.87
N LYS D 138 5.57 34.32 2.98
CA LYS D 138 4.88 33.22 3.65
C LYS D 138 3.91 33.84 4.66
N PRO D 139 2.88 33.08 5.08
CA PRO D 139 1.87 33.61 6.01
C PRO D 139 2.50 34.26 7.25
N GLU D 140 3.57 33.67 7.75
CA GLU D 140 4.23 34.15 8.94
C GLU D 140 4.84 35.55 8.77
N ASN D 141 4.96 36.01 7.53
CA ASN D 141 5.43 37.39 7.28
C ASN D 141 4.30 38.38 7.03
N LEU D 142 3.06 37.90 7.11
CA LEU D 142 1.91 38.79 6.89
C LEU D 142 1.30 39.15 8.24
N LEU D 143 1.72 40.28 8.79
CA LEU D 143 1.20 40.70 10.10
C LEU D 143 0.09 41.72 9.97
N LEU D 144 -0.61 41.96 11.08
CA LEU D 144 -1.64 42.99 11.09
C LEU D 144 -1.28 43.97 12.17
N ASP D 145 -1.42 45.27 11.90
CA ASP D 145 -1.38 46.22 13.00
C ASP D 145 -2.74 46.23 13.72
N ALA D 146 -2.86 46.97 14.81
CA ALA D 146 -4.11 46.96 15.58
C ALA D 146 -5.28 47.55 14.79
N ASN D 147 -4.97 48.41 13.82
CA ASN D 147 -5.98 49.01 12.97
C ASN D 147 -6.30 48.15 11.75
N GLY D 148 -5.84 46.89 11.78
CA GLY D 148 -6.16 45.92 10.75
C GLY D 148 -5.39 46.04 9.43
N ALA D 149 -4.41 46.93 9.36
CA ALA D 149 -3.59 47.07 8.16
C ALA D 149 -2.52 45.98 8.05
N LEU D 150 -2.34 45.46 6.84
CA LEU D 150 -1.31 44.47 6.58
C LEU D 150 0.07 45.11 6.79
N LYS D 151 0.96 44.38 7.45
CA LYS D 151 2.34 44.81 7.58
C LYS D 151 3.24 43.65 7.19
N VAL D 152 3.96 43.79 6.07
CA VAL D 152 4.81 42.70 5.61
C VAL D 152 6.19 42.74 6.27
N SER D 153 6.56 41.62 6.90
CA SER D 153 7.82 41.56 7.63
C SER D 153 8.92 40.84 6.86
N ASP D 154 10.15 41.01 7.34
CA ASP D 154 11.37 40.34 6.88
C ASP D 154 12.02 40.82 5.58
N PHE D 155 11.51 41.88 4.97
CA PHE D 155 12.26 42.47 3.86
C PHE D 155 13.63 42.87 4.41
N GLY D 156 14.67 42.58 3.64
CA GLY D 156 16.02 42.85 4.09
C GLY D 156 16.60 41.69 4.86
N LEU D 157 15.97 41.37 6.00
CA LEU D 157 16.43 40.28 6.83
C LEU D 157 16.43 38.98 6.04
N SER D 158 15.45 38.82 5.14
CA SER D 158 15.28 37.58 4.39
C SER D 158 16.48 37.25 3.52
N ALA D 159 17.32 38.25 3.25
CA ALA D 159 18.55 38.03 2.48
C ALA D 159 19.56 37.20 3.27
N LEU D 160 19.38 37.14 4.59
CA LEU D 160 20.26 36.32 5.42
C LEU D 160 19.88 34.85 5.30
N PRO D 161 20.86 33.96 5.43
CA PRO D 161 20.54 32.53 5.44
C PRO D 161 19.57 32.19 6.58
N GLN D 162 18.57 31.36 6.27
CA GLN D 162 17.62 30.80 7.23
C GLN D 162 18.25 30.43 8.58
N GLN D 163 19.36 29.71 8.50
CA GLN D 163 20.09 29.22 9.66
C GLN D 163 20.70 30.34 10.50
N VAL D 164 21.08 31.44 9.85
CA VAL D 164 21.67 32.58 10.56
C VAL D 164 20.61 33.44 11.25
N ARG D 165 19.50 33.74 10.58
CA ARG D 165 18.49 34.61 11.19
C ARG D 165 17.54 33.89 12.13
N GLU D 166 17.56 32.56 12.12
CA GLU D 166 16.67 31.77 12.97
C GLU D 166 16.67 32.28 14.42
N ASP D 167 15.50 32.67 14.92
CA ASP D 167 15.38 33.29 16.24
C ASP D 167 14.51 32.54 17.24
N GLY D 168 14.18 31.28 16.97
CA GLY D 168 13.39 30.50 17.93
C GLY D 168 11.94 30.93 18.05
N LEU D 169 11.41 31.57 17.03
CA LEU D 169 10.00 31.99 17.05
C LEU D 169 9.14 31.39 15.92
N LEU D 170 9.64 30.34 15.27
CA LEU D 170 8.86 29.63 14.24
C LEU D 170 8.30 30.51 13.12
N HIS D 171 9.16 31.32 12.50
CA HIS D 171 8.77 32.01 11.29
C HIS D 171 9.84 31.89 10.21
N ASP D 172 11.09 31.74 10.62
CA ASP D 172 12.20 31.83 9.65
C ASP D 172 12.27 30.70 8.63
N THR D 173 11.82 29.50 9.00
CA THR D 173 12.05 28.34 8.14
C THR D 173 10.76 27.84 7.45
N CYS D 174 9.65 28.51 7.76
CA CYS D 174 8.34 28.13 7.23
C CYS D 174 8.14 28.50 5.77
N GLY D 175 7.01 28.07 5.23
CA GLY D 175 6.64 28.42 3.86
C GLY D 175 7.25 27.57 2.76
N THR D 176 8.18 26.68 3.09
CA THR D 176 8.79 25.82 2.06
C THR D 176 8.19 24.42 2.12
N PRO D 177 7.84 23.84 0.97
CA PRO D 177 7.82 24.39 -0.40
C PRO D 177 6.45 24.94 -0.79
N ASN D 178 5.53 24.97 0.17
CA ASN D 178 4.12 25.30 -0.11
C ASN D 178 3.91 26.63 -0.82
N TYR D 179 4.74 27.63 -0.46
CA TYR D 179 4.62 28.97 -1.02
C TYR D 179 5.75 29.30 -2.00
N VAL D 180 6.55 28.29 -2.36
CA VAL D 180 7.76 28.52 -3.14
C VAL D 180 7.56 28.17 -4.61
N ALA D 181 8.00 29.04 -5.52
CA ALA D 181 7.83 28.82 -6.96
C ALA D 181 8.70 27.66 -7.44
N PRO D 182 8.27 26.95 -8.48
CA PRO D 182 9.07 25.80 -8.90
C PRO D 182 10.49 26.14 -9.34
N GLU D 183 10.71 27.29 -9.99
CA GLU D 183 12.07 27.64 -10.40
C GLU D 183 12.96 27.93 -9.17
N VAL D 184 12.35 28.32 -8.07
CA VAL D 184 13.11 28.60 -6.85
C VAL D 184 13.53 27.28 -6.20
N ILE D 185 12.64 26.29 -6.30
CA ILE D 185 12.93 24.97 -5.77
C ILE D 185 14.09 24.34 -6.55
N ASN D 186 14.04 24.45 -7.87
CA ASN D 186 14.95 23.68 -8.70
C ASN D 186 16.27 24.36 -9.09
N ASN D 187 16.29 25.69 -9.14
CA ASN D 187 17.43 26.41 -9.72
C ASN D 187 18.17 27.27 -8.69
N LYS D 188 19.48 27.45 -8.89
CA LYS D 188 20.28 28.33 -8.01
C LYS D 188 19.87 29.78 -8.18
N GLY D 189 19.69 30.21 -9.43
CA GLY D 189 19.30 31.58 -9.67
C GLY D 189 17.89 31.68 -10.23
N TYR D 190 17.27 32.83 -10.09
CA TYR D 190 15.90 33.04 -10.57
C TYR D 190 15.53 34.52 -10.52
N ASP D 191 14.43 34.86 -11.19
CA ASP D 191 13.90 36.21 -11.15
C ASP D 191 13.24 36.46 -9.82
N GLY D 192 13.76 37.41 -9.07
CA GLY D 192 13.22 37.73 -7.76
C GLY D 192 11.77 38.19 -7.82
N ALA D 193 11.44 39.03 -8.79
CA ALA D 193 10.06 39.51 -8.92
C ALA D 193 9.03 38.39 -9.17
N LYS D 194 9.31 37.50 -10.13
CA LYS D 194 8.35 36.45 -10.48
C LYS D 194 8.27 35.43 -9.36
N ALA D 195 9.35 35.27 -8.62
CA ALA D 195 9.33 34.37 -7.47
C ALA D 195 8.43 34.91 -6.37
N ASP D 196 8.55 36.20 -6.07
CA ASP D 196 7.69 36.81 -5.05
C ASP D 196 6.24 36.78 -5.52
N LEU D 197 6.03 36.97 -6.81
CA LEU D 197 4.65 37.01 -7.33
C LEU D 197 3.95 35.66 -7.18
N TRP D 198 4.65 34.58 -7.50
CA TRP D 198 4.10 33.24 -7.24
C TRP D 198 3.65 33.10 -5.77
N SER D 199 4.51 33.47 -4.83
CA SER D 199 4.15 33.33 -3.42
C SER D 199 2.89 34.12 -3.10
N CYS D 200 2.79 35.31 -3.68
CA CYS D 200 1.61 36.15 -3.49
C CYS D 200 0.38 35.48 -4.06
N GLY D 201 0.54 34.78 -5.20
CA GLY D 201 -0.56 34.02 -5.75
C GLY D 201 -1.02 32.89 -4.83
N VAL D 202 -0.09 32.20 -4.20
CA VAL D 202 -0.49 31.13 -3.27
C VAL D 202 -1.21 31.74 -2.08
N ILE D 203 -0.67 32.84 -1.58
CA ILE D 203 -1.31 33.55 -0.46
C ILE D 203 -2.74 33.96 -0.80
N LEU D 204 -2.94 34.50 -2.00
CA LEU D 204 -4.28 34.91 -2.42
C LEU D 204 -5.22 33.71 -2.51
N PHE D 205 -4.71 32.60 -3.02
CA PHE D 205 -5.52 31.38 -3.11
C PHE D 205 -5.97 30.95 -1.71
N VAL D 206 -5.07 30.94 -0.76
CA VAL D 206 -5.45 30.51 0.58
C VAL D 206 -6.49 31.46 1.18
N LEU D 207 -6.31 32.76 1.00
CA LEU D 207 -7.25 33.74 1.56
C LEU D 207 -8.67 33.52 1.04
N MET D 208 -8.79 33.21 -0.24
CA MET D 208 -10.11 33.05 -0.87
C MET D 208 -10.65 31.63 -0.88
N ALA D 209 -9.78 30.62 -0.80
CA ALA D 209 -10.24 29.23 -0.78
C ALA D 209 -10.33 28.68 0.63
N GLY D 210 -9.48 29.20 1.50
CA GLY D 210 -9.37 28.68 2.86
C GLY D 210 -8.41 27.50 2.98
N TYR D 211 -7.77 27.12 1.89
CA TYR D 211 -6.80 26.03 1.94
C TYR D 211 -5.75 26.22 0.85
N LEU D 212 -4.70 25.42 0.89
CA LEU D 212 -3.58 25.56 -0.04
C LEU D 212 -3.87 25.01 -1.40
N PRO D 213 -3.34 25.65 -2.46
CA PRO D 213 -3.58 25.09 -3.79
C PRO D 213 -2.84 23.77 -4.03
N PHE D 214 -1.66 23.62 -3.44
CA PHE D 214 -0.83 22.41 -3.63
C PHE D 214 -0.57 21.79 -2.27
N GLU D 215 -1.16 20.63 -2.00
CA GLU D 215 -0.88 19.90 -0.77
C GLU D 215 -0.73 18.42 -1.06
N ASP D 216 0.14 17.76 -0.30
CA ASP D 216 0.22 16.29 -0.30
C ASP D 216 1.05 15.85 0.89
N SER D 217 0.68 14.72 1.48
CA SER D 217 1.42 14.20 2.61
C SER D 217 2.72 13.58 2.11
N ASN D 218 2.71 13.18 0.84
CA ASN D 218 3.88 12.60 0.21
C ASN D 218 4.71 13.68 -0.47
N LEU D 219 5.95 13.86 -0.02
CA LEU D 219 6.81 14.94 -0.50
C LEU D 219 7.02 14.93 -2.02
N THR D 220 7.27 13.74 -2.58
CA THR D 220 7.46 13.62 -4.02
C THR D 220 6.22 14.08 -4.76
N SER D 221 5.05 13.65 -4.29
CA SER D 221 3.79 14.04 -4.93
C SER D 221 3.55 15.55 -4.80
N LEU D 222 3.92 16.11 -3.66
CA LEU D 222 3.79 17.56 -3.45
C LEU D 222 4.64 18.34 -4.46
N TYR D 223 5.91 17.97 -4.56
CA TYR D 223 6.78 18.62 -5.55
C TYR D 223 6.27 18.47 -6.97
N LYS D 224 5.70 17.32 -7.31
CA LYS D 224 5.14 17.16 -8.65
C LYS D 224 3.97 18.11 -8.95
N LYS D 225 3.09 18.29 -7.97
CA LYS D 225 1.94 19.18 -8.16
C LYS D 225 2.39 20.61 -8.34
N ILE D 226 3.42 21.01 -7.60
CA ILE D 226 3.94 22.37 -7.73
C ILE D 226 4.57 22.61 -9.12
N PHE D 227 5.45 21.71 -9.56
CA PHE D 227 6.11 21.90 -10.86
C PHE D 227 5.14 21.87 -12.03
N LYS D 228 4.03 21.14 -11.86
CA LYS D 228 2.99 21.10 -12.88
C LYS D 228 1.95 22.20 -12.70
N ALA D 229 2.02 22.93 -11.58
CA ALA D 229 0.96 23.87 -11.17
C ALA D 229 -0.40 23.18 -11.28
N GLU D 230 -0.45 21.97 -10.75
CA GLU D 230 -1.66 21.16 -10.73
C GLU D 230 -2.53 21.59 -9.55
N PHE D 231 -3.56 22.38 -9.83
CA PHE D 231 -4.48 22.81 -8.76
C PHE D 231 -5.85 23.08 -9.36
N THR D 232 -6.86 23.19 -8.50
CA THR D 232 -8.21 23.46 -8.95
C THR D 232 -8.79 24.62 -8.13
N CYS D 233 -9.33 25.62 -8.82
CA CYS D 233 -10.01 26.71 -8.13
C CYS D 233 -11.37 26.22 -7.68
N PRO D 234 -11.76 26.53 -6.44
CA PRO D 234 -13.08 26.16 -5.94
C PRO D 234 -14.22 26.88 -6.70
N PRO D 235 -15.44 26.32 -6.68
CA PRO D 235 -16.54 26.87 -7.49
C PRO D 235 -16.93 28.31 -7.18
N TRP D 236 -16.63 28.79 -5.97
CA TRP D 236 -17.00 30.16 -5.58
C TRP D 236 -16.05 31.25 -6.08
N PHE D 237 -14.95 30.85 -6.72
CA PHE D 237 -14.02 31.83 -7.28
C PHE D 237 -14.73 32.49 -8.46
N SER D 238 -14.73 33.82 -8.54
CA SER D 238 -15.31 34.46 -9.73
C SER D 238 -14.50 34.13 -10.97
N ALA D 239 -15.08 34.35 -12.16
CA ALA D 239 -14.37 34.07 -13.38
C ALA D 239 -13.08 34.88 -13.50
N SER D 240 -13.12 36.15 -13.09
CA SER D 240 -11.95 37.00 -13.22
C SER D 240 -10.88 36.70 -12.17
N ALA D 241 -11.31 36.28 -10.99
CA ALA D 241 -10.37 35.86 -9.95
C ALA D 241 -9.65 34.60 -10.41
N LYS D 242 -10.40 33.65 -10.96
CA LYS D 242 -9.81 32.43 -11.52
C LYS D 242 -8.82 32.69 -12.66
N LYS D 243 -9.19 33.57 -13.58
CA LYS D 243 -8.33 33.90 -14.69
C LYS D 243 -7.01 34.46 -14.22
N LEU D 244 -7.08 35.41 -13.29
CA LEU D 244 -5.88 36.05 -12.75
C LEU D 244 -5.00 35.06 -11.99
N ILE D 245 -5.59 34.27 -11.10
CA ILE D 245 -4.81 33.33 -10.31
C ILE D 245 -4.09 32.28 -11.17
N LYS D 246 -4.75 31.84 -12.22
CA LYS D 246 -4.13 30.92 -13.18
C LYS D 246 -2.92 31.52 -13.90
N ARG D 247 -2.95 32.82 -14.18
CA ARG D 247 -1.80 33.49 -14.79
C ARG D 247 -0.62 33.72 -13.82
N ILE D 248 -0.93 33.89 -12.54
CA ILE D 248 0.12 34.09 -11.54
C ILE D 248 0.78 32.75 -11.24
N LEU D 249 -0.04 31.73 -11.02
CA LEU D 249 0.47 30.40 -10.70
C LEU D 249 0.80 29.64 -12.00
N ASP D 250 1.50 30.32 -12.89
CA ASP D 250 2.08 29.74 -14.11
C ASP D 250 3.43 29.16 -13.73
N PRO D 251 3.62 27.84 -13.93
CA PRO D 251 4.82 27.18 -13.42
C PRO D 251 6.08 27.56 -14.19
N ASN D 252 5.93 28.27 -15.30
CA ASN D 252 7.08 28.76 -16.09
C ASN D 252 7.29 30.24 -15.82
N PRO D 253 8.39 30.61 -15.17
CA PRO D 253 8.61 32.02 -14.84
C PRO D 253 8.85 32.89 -16.08
N ALA D 254 9.21 32.29 -17.22
CA ALA D 254 9.37 33.07 -18.44
C ALA D 254 8.04 33.60 -18.94
N THR D 255 6.97 32.81 -18.79
CA THR D 255 5.66 33.23 -19.26
C THR D 255 4.72 33.72 -18.17
N ARG D 256 5.10 33.56 -16.91
CA ARG D 256 4.28 34.02 -15.77
C ARG D 256 3.98 35.51 -15.94
N ILE D 257 2.79 35.94 -15.55
CA ILE D 257 2.36 37.34 -15.61
C ILE D 257 3.32 38.25 -14.80
N THR D 258 3.42 39.54 -15.15
CA THR D 258 4.28 40.45 -14.38
C THR D 258 3.50 41.21 -13.30
N PHE D 259 4.22 41.84 -12.39
CA PHE D 259 3.57 42.69 -11.39
C PHE D 259 2.77 43.84 -12.01
N ALA D 260 3.34 44.43 -13.06
CA ALA D 260 2.70 45.53 -13.78
C ALA D 260 1.34 45.09 -14.31
N GLU D 261 1.31 43.89 -14.89
CA GLU D 261 0.08 43.37 -15.47
C GLU D 261 -0.95 43.02 -14.40
N VAL D 262 -0.50 42.51 -13.25
CA VAL D 262 -1.41 42.30 -12.13
C VAL D 262 -2.03 43.62 -11.69
N ILE D 263 -1.21 44.67 -11.54
CA ILE D 263 -1.72 45.94 -11.03
C ILE D 263 -2.73 46.56 -12.00
N GLU D 264 -2.58 46.22 -13.27
CA GLU D 264 -3.47 46.68 -14.33
C GLU D 264 -4.67 45.74 -14.55
N ASN D 265 -4.69 44.59 -13.88
CA ASN D 265 -5.77 43.61 -14.08
C ASN D 265 -7.13 44.09 -13.56
N GLU D 266 -8.20 43.69 -14.25
CA GLU D 266 -9.53 44.21 -13.93
C GLU D 266 -10.07 43.74 -12.58
N TRP D 267 -9.77 42.49 -12.20
CA TRP D 267 -10.16 42.02 -10.87
C TRP D 267 -9.37 42.77 -9.79
N PHE D 268 -8.06 42.93 -10.01
CA PHE D 268 -7.19 43.62 -9.05
C PHE D 268 -7.62 45.07 -8.80
N LYS D 269 -8.10 45.74 -9.83
CA LYS D 269 -8.43 47.16 -9.75
C LYS D 269 -9.69 47.55 -8.96
N LYS D 270 -10.65 46.64 -8.79
CA LYS D 270 -11.86 46.95 -8.03
C LYS D 270 -11.51 47.45 -6.62
N GLY D 271 -11.91 48.69 -6.32
CA GLY D 271 -11.70 49.26 -5.00
C GLY D 271 -10.24 49.54 -4.67
N TYR D 272 -9.40 49.57 -5.69
CA TYR D 272 -7.96 49.76 -5.50
C TYR D 272 -7.59 51.22 -5.26
N LYS D 273 -6.99 51.49 -4.11
CA LYS D 273 -6.43 52.82 -3.83
C LYS D 273 -4.95 52.73 -3.49
N ALA D 274 -4.11 53.35 -4.31
CA ALA D 274 -2.70 53.49 -3.96
C ALA D 274 -2.61 54.34 -2.68
N PRO D 275 -1.74 53.94 -1.74
CA PRO D 275 -1.58 54.58 -0.43
C PRO D 275 -0.73 55.86 -0.49
N LYS D 276 -0.65 56.55 0.65
CA LYS D 276 0.07 57.82 0.73
C LYS D 276 1.35 57.68 1.55
N PHE D 277 2.46 57.42 0.88
CA PHE D 277 3.75 57.30 1.56
C PHE D 277 4.52 58.62 1.60
N GLU D 278 5.29 58.79 2.66
CA GLU D 278 5.96 60.05 2.95
C GLU D 278 7.06 60.43 1.95
N ASN D 279 7.51 61.67 2.04
CA ASN D 279 8.66 62.16 1.27
C ASN D 279 9.88 61.25 1.38
N ALA D 280 10.62 61.10 0.29
CA ALA D 280 11.96 60.49 0.36
C ALA D 280 12.82 61.28 1.36
N ASP D 281 13.66 60.59 2.13
CA ASP D 281 14.55 61.25 3.06
C ASP D 281 15.97 61.32 2.49
N VAL D 282 16.83 62.11 3.14
CA VAL D 282 18.24 62.19 2.76
C VAL D 282 19.01 60.98 3.30
N SER D 283 19.76 60.30 2.43
CA SER D 283 20.57 59.15 2.83
C SER D 283 21.98 59.57 3.25
N LEU D 284 22.29 59.40 4.53
CA LEU D 284 23.56 59.83 5.09
C LEU D 284 24.65 58.75 5.18
N ASP D 285 24.23 57.49 5.16
CA ASP D 285 25.14 56.38 5.44
C ASP D 285 25.61 55.65 4.18
N ASP D 286 26.86 55.19 4.22
CA ASP D 286 27.37 54.37 3.12
C ASP D 286 27.21 52.88 3.42
N VAL D 287 26.60 52.20 2.46
CA VAL D 287 26.33 50.78 2.49
C VAL D 287 27.45 49.93 3.09
N ASP D 288 28.68 50.14 2.62
CA ASP D 288 29.76 49.25 3.05
C ASP D 288 30.06 49.35 4.55
N ALA D 289 29.62 50.44 5.17
CA ALA D 289 29.84 50.63 6.60
C ALA D 289 28.63 50.21 7.46
N ILE D 290 27.63 49.62 6.82
CA ILE D 290 26.39 49.24 7.52
C ILE D 290 26.62 48.47 8.83
N PHE D 291 27.52 47.50 8.82
CA PHE D 291 27.76 46.68 10.01
C PHE D 291 29.03 47.08 10.77
N ASP D 292 29.54 48.28 10.50
CA ASP D 292 30.70 48.79 11.22
C ASP D 292 30.32 49.21 12.62
N ASP D 293 31.21 48.97 13.58
CA ASP D 293 31.01 49.37 14.96
C ASP D 293 30.56 50.83 15.01
N SER D 294 29.35 51.03 15.53
CA SER D 294 28.77 52.36 15.67
C SER D 294 29.50 53.19 16.73
N ASN D 299 33.40 53.91 20.34
CA ASN D 299 32.81 52.61 19.98
C ASN D 299 31.40 52.43 20.52
N LEU D 300 30.72 51.36 20.10
CA LEU D 300 29.38 51.09 20.60
C LEU D 300 29.37 50.53 22.02
N VAL D 301 28.67 51.27 22.87
CA VAL D 301 28.56 51.00 24.28
C VAL D 301 27.43 50.00 24.60
N VAL D 302 27.82 48.82 25.10
CA VAL D 302 26.88 47.75 25.47
C VAL D 302 26.98 47.42 26.96
N GLU D 303 26.17 48.11 27.78
CA GLU D 303 26.26 48.02 29.24
C GLU D 303 25.50 46.84 29.85
N ARG D 304 26.24 45.89 30.43
CA ARG D 304 25.65 44.70 31.05
C ARG D 304 25.56 44.84 32.57
N ARG D 305 24.37 45.21 33.06
CA ARG D 305 24.16 45.47 34.48
C ARG D 305 24.29 44.21 35.35
N GLU D 306 23.75 43.09 34.87
CA GLU D 306 23.99 41.80 35.50
C GLU D 306 24.26 40.73 34.45
#